data_7A3P
#
_entry.id   7A3P
#
_cell.length_a   53.744
_cell.length_b   101.412
_cell.length_c   249.236
_cell.angle_alpha   90.000
_cell.angle_beta   90.000
_cell.angle_gamma   90.000
#
_symmetry.space_group_name_H-M   'P 21 21 21'
#
loop_
_entity.id
_entity.type
_entity.pdbx_description
1 polymer 'Envelope protein E'
2 polymer 'Single Chain Variable Fragment'
3 polymer 'Single Chain Variable Fragment'
4 non-polymer 2-acetamido-2-deoxy-beta-D-glucopyranose
5 water water
#
loop_
_entity_poly.entity_id
_entity_poly.type
_entity_poly.pdbx_seq_one_letter_code
_entity_poly.pdbx_strand_id
1 'polypeptide(L)'
;MRCVGVGNRDFVEGLSGATWVDVVLEHGGCVTTMAKNKPTLDIELQKTEATQLATLRKLCIEGKITNITTDSRCPTQGEA
ILPEEQDQNYVCKHTYVDRGWGNGCGLFGKGSLVTCAKFQCLESIEGKVVQHENLKYTVIITVHTGDQHQVGNETQGVTA
EITPQASTVEAILPEYGTLGLECSPRTGLDFNEMILLTMKNKAWMVHRQWFFDLPLPWTSGATTETPTWNRKELLVTFKN
AHAKKQEVVVLGSQEGAMHTALTGATEIQNSGGTSIFAGHLKCRLKMDKLELKGMSYAMCLNTFVLKKEVSETQHGTILI
KVEYKGEDAPCKIPFSTEDGQGKAHNGRLITANPVVTKKEEPVNIEAEPPFGESNIVIGIGDKALKINWYKKGLVPRGSS
AWSHPQFEKGGSGGGSGGSAWSHPQFEK
;
A,B
2 'polypeptide(L)'
;MAEVQLVESGAEVKKPGASVKVSCKASGYTFTSYAMHWVRQAPGQRLEWMGWINAGNGNTKYSQKFQDRVTITRDTSAST
AYMELSSLRSEDTAIYYCARDKVDDYGDYWFPTLWYFDYWGQGTLVTVSSGTGGSGGGGSGGGG
;
H,I
3 'polypeptide(L)'
;SGGGASQSALTQPASVSGSPGQSITISCTGTSSDVGGFNYVSWFQQHPGKAPKLMLYDVTSRPSGVSSRFSGSKSGNTAS
LTISGLQAEDEADYYCSSHTSRGTWVFGGGTKLTVLAAADDDDKAGWSHPQFEKGGGSGGGSGGGSWSHPQFEK
;
L,M
#
loop_
_chem_comp.id
_chem_comp.type
_chem_comp.name
_chem_comp.formula
NAG D-saccharide, beta linking 2-acetamido-2-deoxy-beta-D-glucopyranose 'C8 H15 N O6'
#
# COMPACT_ATOMS: atom_id res chain seq x y z
N MET A 1 -42.26 -18.84 -0.83
CA MET A 1 -42.02 -19.78 0.25
C MET A 1 -40.53 -19.99 0.38
N ARG A 2 -40.05 -20.76 -0.60
CA ARG A 2 -38.68 -21.19 -0.77
C ARG A 2 -38.58 -21.87 -2.12
N CYS A 3 -37.44 -21.76 -2.80
CA CYS A 3 -37.17 -22.41 -4.08
C CYS A 3 -38.02 -21.86 -5.21
N VAL A 4 -38.90 -20.90 -4.97
CA VAL A 4 -39.80 -20.40 -6.01
C VAL A 4 -39.18 -19.24 -6.76
N GLY A 5 -38.73 -18.20 -6.06
CA GLY A 5 -38.15 -17.04 -6.69
C GLY A 5 -36.79 -17.26 -7.33
N VAL A 6 -36.23 -18.46 -7.20
CA VAL A 6 -34.93 -18.77 -7.79
C VAL A 6 -35.09 -19.13 -9.27
N GLY A 7 -34.25 -18.54 -10.11
CA GLY A 7 -34.26 -18.78 -11.54
C GLY A 7 -33.67 -20.13 -11.91
N ASN A 8 -32.59 -20.51 -11.24
CA ASN A 8 -31.94 -21.81 -11.46
C ASN A 8 -32.67 -22.84 -10.60
N ARG A 9 -33.85 -23.25 -11.09
CA ARG A 9 -34.70 -24.20 -10.38
C ARG A 9 -34.98 -25.41 -11.26
N ASP A 10 -34.85 -26.60 -10.68
CA ASP A 10 -35.11 -27.86 -11.38
C ASP A 10 -36.37 -28.51 -10.81
N PHE A 11 -37.22 -29.02 -11.70
CA PHE A 11 -38.40 -29.80 -11.31
C PHE A 11 -38.14 -31.25 -11.70
N VAL A 12 -38.04 -32.12 -10.71
CA VAL A 12 -37.86 -33.54 -10.95
C VAL A 12 -39.02 -34.26 -10.30
N GLU A 13 -39.65 -35.15 -11.06
CA GLU A 13 -40.83 -35.89 -10.62
C GLU A 13 -40.52 -37.38 -10.62
N GLY A 14 -41.01 -38.09 -9.61
CA GLY A 14 -40.83 -39.53 -9.63
C GLY A 14 -41.57 -40.11 -10.81
N LEU A 15 -40.87 -40.85 -11.66
CA LEU A 15 -41.48 -41.30 -12.90
C LEU A 15 -42.55 -42.36 -12.62
N SER A 16 -43.66 -42.25 -13.35
CA SER A 16 -44.80 -43.17 -13.29
C SER A 16 -45.06 -43.67 -11.86
N GLY A 17 -45.27 -42.72 -10.96
CA GLY A 17 -45.58 -43.04 -9.57
C GLY A 17 -44.50 -43.83 -8.86
N ALA A 18 -43.30 -43.27 -8.80
CA ALA A 18 -42.17 -43.91 -8.13
C ALA A 18 -41.88 -43.20 -6.81
N THR A 19 -41.17 -43.91 -5.92
CA THR A 19 -40.85 -43.39 -4.60
C THR A 19 -39.44 -42.85 -4.48
N TRP A 20 -38.56 -43.15 -5.43
CA TRP A 20 -37.20 -42.63 -5.44
C TRP A 20 -37.01 -41.67 -6.61
N VAL A 21 -36.17 -40.65 -6.39
CA VAL A 21 -35.90 -39.64 -7.41
C VAL A 21 -34.44 -39.24 -7.34
N ASP A 22 -33.74 -39.27 -8.48
CA ASP A 22 -32.35 -38.86 -8.55
C ASP A 22 -32.22 -37.46 -9.13
N VAL A 23 -31.47 -36.60 -8.44
CA VAL A 23 -31.32 -35.19 -8.80
C VAL A 23 -29.83 -34.83 -8.75
N VAL A 24 -29.52 -33.66 -9.29
CA VAL A 24 -28.16 -33.11 -9.24
C VAL A 24 -28.24 -31.69 -8.69
N LEU A 25 -27.61 -31.46 -7.54
CA LEU A 25 -27.61 -30.17 -6.87
C LEU A 25 -26.35 -29.41 -7.23
N GLU A 26 -26.50 -28.12 -7.48
CA GLU A 26 -25.37 -27.24 -7.73
C GLU A 26 -25.60 -25.93 -6.98
N HIS A 27 -24.51 -25.28 -6.60
CA HIS A 27 -24.61 -24.06 -5.81
C HIS A 27 -25.35 -22.98 -6.58
N GLY A 28 -26.09 -22.14 -5.84
CA GLY A 28 -26.94 -21.15 -6.43
C GLY A 28 -28.18 -21.69 -7.10
N GLY A 29 -28.39 -23.00 -7.07
CA GLY A 29 -29.56 -23.60 -7.67
C GLY A 29 -30.37 -24.35 -6.64
N CYS A 30 -31.64 -24.60 -6.96
CA CYS A 30 -32.54 -25.31 -6.05
C CYS A 30 -33.34 -26.32 -6.86
N VAL A 31 -33.64 -27.46 -6.23
CA VAL A 31 -34.34 -28.55 -6.90
C VAL A 31 -35.67 -28.78 -6.19
N THR A 32 -36.73 -28.96 -6.99
CA THR A 32 -38.06 -29.29 -6.47
C THR A 32 -38.39 -30.72 -6.87
N THR A 33 -38.56 -31.59 -5.88
CA THR A 33 -38.86 -32.99 -6.10
C THR A 33 -40.29 -33.29 -5.66
N MET A 34 -40.97 -34.13 -6.42
CA MET A 34 -42.37 -34.44 -6.18
C MET A 34 -42.64 -35.90 -6.48
N ALA A 35 -43.50 -36.52 -5.68
CA ALA A 35 -43.85 -37.92 -5.83
C ALA A 35 -45.32 -38.10 -5.51
N LYS A 36 -45.87 -39.24 -5.95
CA LYS A 36 -47.28 -39.51 -5.74
C LYS A 36 -47.60 -39.67 -4.26
N ASN A 37 -48.56 -38.88 -3.78
CA ASN A 37 -49.03 -38.93 -2.39
C ASN A 37 -47.91 -38.62 -1.41
N LYS A 38 -46.89 -37.89 -1.84
CA LYS A 38 -45.76 -37.53 -1.03
C LYS A 38 -45.59 -36.02 -1.06
N PRO A 39 -45.08 -35.44 0.02
CA PRO A 39 -44.91 -33.99 0.05
C PRO A 39 -43.88 -33.56 -0.98
N THR A 40 -44.07 -32.35 -1.50
CA THR A 40 -43.12 -31.76 -2.44
C THR A 40 -41.97 -31.15 -1.66
N LEU A 41 -40.75 -31.47 -2.05
CA LEU A 41 -39.59 -31.03 -1.29
C LEU A 41 -38.71 -30.11 -2.12
N ASP A 42 -38.02 -29.23 -1.42
CA ASP A 42 -37.04 -28.32 -1.99
C ASP A 42 -35.70 -28.73 -1.41
N ILE A 43 -34.82 -29.22 -2.29
CA ILE A 43 -33.46 -29.62 -1.94
C ILE A 43 -32.52 -28.50 -2.37
N GLU A 44 -31.62 -28.12 -1.49
CA GLU A 44 -30.73 -26.99 -1.76
C GLU A 44 -29.36 -27.26 -1.17
N LEU A 45 -28.32 -26.96 -1.94
CA LEU A 45 -26.94 -27.16 -1.48
C LEU A 45 -26.49 -25.88 -0.78
N GLN A 46 -26.56 -25.88 0.55
CA GLN A 46 -26.27 -24.67 1.32
C GLN A 46 -24.77 -24.36 1.31
N LYS A 47 -23.94 -25.32 1.68
CA LYS A 47 -22.51 -25.10 1.80
C LYS A 47 -21.76 -26.27 1.16
N THR A 48 -20.56 -25.96 0.67
CA THR A 48 -19.60 -26.98 0.26
C THR A 48 -18.23 -26.51 0.75
N GLU A 49 -17.69 -27.18 1.76
CA GLU A 49 -16.44 -26.70 2.36
C GLU A 49 -15.35 -27.77 2.31
N ALA A 50 -14.12 -27.29 2.47
CA ALA A 50 -12.97 -28.11 2.76
C ALA A 50 -12.60 -27.87 4.21
N THR A 51 -12.57 -28.93 5.01
CA THR A 51 -12.57 -28.79 6.46
C THR A 51 -11.25 -28.27 6.99
N GLN A 52 -10.17 -29.02 6.78
CA GLN A 52 -8.86 -28.67 7.33
C GLN A 52 -7.82 -28.78 6.24
N LEU A 53 -7.07 -27.70 6.04
CA LEU A 53 -6.07 -27.59 5.00
C LEU A 53 -4.74 -27.14 5.58
N ALA A 54 -3.65 -27.63 4.98
CA ALA A 54 -2.30 -27.30 5.38
C ALA A 54 -1.72 -26.28 4.42
N THR A 55 -1.19 -25.19 4.97
CA THR A 55 -0.52 -24.18 4.16
C THR A 55 0.85 -24.71 3.75
N LEU A 56 1.00 -25.04 2.47
CA LEU A 56 2.27 -25.60 2.01
C LEU A 56 3.30 -24.51 1.85
N ARG A 57 2.93 -23.37 1.27
CA ARG A 57 3.89 -22.30 1.05
C ARG A 57 3.28 -20.95 1.38
N LYS A 58 4.15 -19.97 1.59
CA LYS A 58 3.77 -18.59 1.80
C LYS A 58 4.55 -17.76 0.78
N LEU A 59 3.83 -17.11 -0.13
CA LEU A 59 4.45 -16.28 -1.15
C LEU A 59 4.46 -14.83 -0.68
N CYS A 60 5.58 -14.14 -0.92
CA CYS A 60 5.72 -12.74 -0.53
C CYS A 60 5.43 -11.88 -1.75
N ILE A 61 4.36 -11.08 -1.65
CA ILE A 61 4.04 -10.20 -2.77
C ILE A 61 4.51 -8.77 -2.53
N GLU A 62 4.70 -8.36 -1.27
CA GLU A 62 5.27 -7.04 -1.03
C GLU A 62 6.24 -7.10 0.13
N GLY A 63 7.49 -6.74 -0.15
CA GLY A 63 8.55 -6.75 0.84
C GLY A 63 9.25 -5.41 0.91
N LYS A 64 10.00 -5.25 2.00
CA LYS A 64 10.69 -4.01 2.33
C LYS A 64 12.17 -4.30 2.55
N ILE A 65 12.99 -3.25 2.53
CA ILE A 65 14.42 -3.38 2.74
C ILE A 65 14.80 -2.60 4.00
N THR A 66 15.61 -3.23 4.85
CA THR A 66 16.12 -2.61 6.06
C THR A 66 17.61 -2.87 6.14
N ASN A 67 18.28 -2.12 7.02
CA ASN A 67 19.70 -2.33 7.32
C ASN A 67 20.61 -2.61 6.13
N ILE A 68 20.87 -1.64 5.28
CA ILE A 68 21.83 -1.90 4.20
C ILE A 68 23.24 -1.81 4.79
N THR A 69 24.07 -2.79 4.43
CA THR A 69 25.42 -2.92 4.97
C THR A 69 26.40 -2.98 3.81
N THR A 70 27.57 -2.40 4.01
CA THR A 70 28.54 -2.31 2.94
C THR A 70 29.92 -2.65 3.50
N ASP A 71 30.75 -3.26 2.66
CA ASP A 71 32.15 -3.47 3.04
C ASP A 71 32.99 -3.35 1.78
N SER A 72 34.00 -2.49 1.85
CA SER A 72 34.88 -2.24 0.72
C SER A 72 36.33 -2.41 1.17
N ARG A 73 37.18 -2.75 0.21
CA ARG A 73 38.60 -2.91 0.48
C ARG A 73 39.41 -2.30 -0.65
N CYS A 74 40.63 -1.88 -0.31
CA CYS A 74 41.55 -1.34 -1.28
C CYS A 74 42.13 -2.48 -2.13
N PRO A 75 42.66 -2.16 -3.31
CA PRO A 75 43.36 -3.19 -4.09
C PRO A 75 44.50 -3.81 -3.29
N THR A 76 44.84 -5.05 -3.66
CA THR A 76 45.86 -5.87 -3.01
C THR A 76 45.51 -6.18 -1.56
N GLN A 77 44.30 -5.87 -1.11
CA GLN A 77 43.84 -6.19 0.24
C GLN A 77 42.80 -7.30 0.29
N GLY A 78 42.44 -7.89 -0.84
CA GLY A 78 41.57 -9.05 -0.84
C GLY A 78 40.10 -8.70 -0.91
N GLU A 79 39.29 -9.75 -0.79
CA GLU A 79 37.84 -9.61 -0.89
C GLU A 79 37.28 -8.95 0.37
N ALA A 80 36.13 -8.32 0.21
CA ALA A 80 35.44 -7.75 1.36
C ALA A 80 34.67 -8.84 2.10
N ILE A 81 34.35 -8.57 3.36
CA ILE A 81 33.72 -9.57 4.22
C ILE A 81 32.63 -8.88 5.04
N LEU A 82 31.43 -9.45 5.00
CA LEU A 82 30.35 -9.03 5.88
C LEU A 82 29.82 -10.26 6.58
N PRO A 83 29.51 -10.16 7.88
CA PRO A 83 28.97 -11.32 8.59
C PRO A 83 27.62 -11.76 8.05
N GLU A 84 26.85 -10.83 7.48
CA GLU A 84 25.52 -11.12 6.98
C GLU A 84 25.54 -11.98 5.72
N GLU A 85 26.69 -12.11 5.06
CA GLU A 85 26.77 -12.91 3.84
C GLU A 85 26.36 -14.35 4.05
N GLN A 86 26.53 -14.90 5.26
CA GLN A 86 26.04 -16.23 5.53
C GLN A 86 24.65 -16.21 6.13
N ASP A 87 24.27 -15.06 6.71
CA ASP A 87 22.97 -14.92 7.33
C ASP A 87 21.90 -15.02 6.25
N GLN A 88 20.96 -15.96 6.45
CA GLN A 88 19.94 -16.22 5.45
C GLN A 88 18.86 -15.15 5.37
N ASN A 89 18.88 -14.15 6.26
CA ASN A 89 17.95 -13.04 6.13
C ASN A 89 18.35 -12.04 5.06
N TYR A 90 19.61 -12.07 4.62
CA TYR A 90 20.17 -11.04 3.76
C TYR A 90 20.40 -11.52 2.33
N VAL A 91 20.21 -10.58 1.41
CA VAL A 91 20.55 -10.75 0.00
C VAL A 91 21.75 -9.84 -0.28
N CYS A 92 22.80 -10.42 -0.85
CA CYS A 92 24.08 -9.73 -0.99
C CYS A 92 24.57 -9.83 -2.43
N LYS A 93 25.46 -8.90 -2.77
CA LYS A 93 26.11 -8.92 -4.07
C LYS A 93 27.49 -8.31 -3.95
N HIS A 94 28.44 -8.91 -4.68
CA HIS A 94 29.81 -8.45 -4.76
C HIS A 94 30.02 -7.70 -6.08
N THR A 95 30.94 -6.73 -6.04
CA THR A 95 31.28 -5.94 -7.20
C THR A 95 32.69 -5.37 -7.01
N TYR A 96 33.12 -4.57 -7.97
CA TYR A 96 34.44 -3.94 -7.95
C TYR A 96 34.32 -2.47 -8.29
N VAL A 97 35.07 -1.63 -7.57
CA VAL A 97 34.99 -0.18 -7.77
C VAL A 97 36.39 0.39 -7.90
N ASP A 98 36.49 1.50 -8.64
CA ASP A 98 37.77 2.18 -8.83
C ASP A 98 38.18 2.89 -7.55
N ARG A 99 39.36 2.56 -7.02
CA ARG A 99 39.86 3.16 -5.80
C ARG A 99 41.30 3.61 -6.00
N GLY A 100 41.69 4.60 -5.19
CA GLY A 100 43.02 5.14 -5.24
C GLY A 100 43.22 6.11 -4.10
N TRP A 101 44.16 7.04 -4.31
CA TRP A 101 44.38 8.06 -3.29
C TRP A 101 43.09 8.81 -3.00
N GLY A 102 42.28 9.06 -4.04
CA GLY A 102 41.03 9.76 -3.86
C GLY A 102 40.08 9.13 -2.87
N ASN A 103 40.12 7.79 -2.74
CA ASN A 103 39.24 7.11 -1.79
C ASN A 103 40.02 6.41 -0.69
N GLY A 104 41.24 6.86 -0.40
CA GLY A 104 41.95 6.36 0.76
C GLY A 104 42.75 5.10 0.52
N CYS A 105 43.21 4.86 -0.70
CA CYS A 105 43.98 3.67 -1.03
C CYS A 105 45.38 4.05 -1.48
N GLY A 106 46.38 3.31 -1.01
CA GLY A 106 47.73 3.56 -1.45
C GLY A 106 47.95 3.17 -2.90
N LEU A 107 47.22 2.19 -3.39
CA LEU A 107 47.36 1.70 -4.75
C LEU A 107 46.10 2.01 -5.55
N PHE A 108 46.28 2.27 -6.84
CA PHE A 108 45.17 2.52 -7.74
C PHE A 108 44.73 1.22 -8.40
N GLY A 109 43.44 0.94 -8.34
CA GLY A 109 42.93 -0.26 -8.97
C GLY A 109 41.50 -0.53 -8.59
N LYS A 110 41.02 -1.68 -9.03
CA LYS A 110 39.64 -2.09 -8.78
C LYS A 110 39.61 -2.91 -7.50
N GLY A 111 38.96 -2.36 -6.47
CA GLY A 111 38.85 -3.01 -5.19
C GLY A 111 37.48 -3.66 -5.00
N SER A 112 37.49 -4.78 -4.29
CA SER A 112 36.27 -5.54 -4.07
C SER A 112 35.35 -4.82 -3.08
N LEU A 113 34.05 -5.02 -3.27
CA LEU A 113 33.03 -4.43 -2.41
C LEU A 113 31.85 -5.40 -2.34
N VAL A 114 31.22 -5.45 -1.18
CA VAL A 114 30.05 -6.29 -0.97
C VAL A 114 28.95 -5.45 -0.34
N THR A 115 27.73 -5.61 -0.84
CA THR A 115 26.58 -4.91 -0.31
C THR A 115 25.51 -5.92 0.06
N CYS A 116 24.92 -5.75 1.25
CA CYS A 116 23.89 -6.65 1.72
C CYS A 116 22.67 -5.86 2.20
N ALA A 117 21.50 -6.36 1.87
CA ALA A 117 20.23 -5.79 2.29
C ALA A 117 19.44 -6.85 3.03
N LYS A 118 18.78 -6.42 4.10
CA LYS A 118 17.95 -7.31 4.90
C LYS A 118 16.54 -7.29 4.34
N PHE A 119 15.98 -8.48 4.11
CA PHE A 119 14.67 -8.62 3.50
C PHE A 119 13.62 -8.85 4.58
N GLN A 120 12.52 -8.10 4.49
CA GLN A 120 11.35 -8.31 5.33
C GLN A 120 10.09 -8.17 4.48
N CYS A 121 9.17 -9.11 4.66
CA CYS A 121 7.92 -9.14 3.90
C CYS A 121 6.86 -8.30 4.59
N LEU A 122 6.14 -7.51 3.78
CA LEU A 122 5.07 -6.65 4.30
C LEU A 122 3.69 -7.29 4.14
N GLU A 123 3.36 -7.75 2.94
CA GLU A 123 2.06 -8.37 2.71
C GLU A 123 2.32 -9.65 1.92
N SER A 124 1.65 -10.74 2.33
CA SER A 124 1.89 -12.08 1.84
C SER A 124 0.59 -12.76 1.42
N ILE A 125 0.74 -13.86 0.68
CA ILE A 125 -0.35 -14.74 0.26
C ILE A 125 0.06 -16.15 0.61
N GLU A 126 -0.90 -17.08 0.59
CA GLU A 126 -0.67 -18.46 1.02
C GLU A 126 -1.03 -19.44 -0.10
N GLY A 127 -0.33 -20.57 -0.11
CA GLY A 127 -0.64 -21.67 -1.01
C GLY A 127 -0.90 -22.90 -0.18
N LYS A 128 -2.17 -23.31 -0.15
CA LYS A 128 -2.67 -24.37 0.71
C LYS A 128 -3.03 -25.62 -0.10
N VAL A 129 -3.08 -26.74 0.62
CA VAL A 129 -3.34 -28.04 0.01
C VAL A 129 -4.71 -28.51 0.47
N VAL A 130 -5.51 -29.02 -0.46
CA VAL A 130 -6.85 -29.52 -0.19
C VAL A 130 -6.85 -31.01 -0.45
N GLN A 131 -7.39 -31.77 0.50
CA GLN A 131 -7.44 -33.22 0.41
C GLN A 131 -8.89 -33.68 0.29
N HIS A 132 -9.11 -34.67 -0.57
CA HIS A 132 -10.47 -35.06 -0.93
C HIS A 132 -11.28 -35.52 0.28
N GLU A 133 -10.61 -36.03 1.32
CA GLU A 133 -11.32 -36.58 2.47
C GLU A 133 -11.93 -35.50 3.35
N ASN A 134 -11.50 -34.25 3.19
CA ASN A 134 -11.97 -33.15 4.03
C ASN A 134 -13.14 -32.39 3.40
N LEU A 135 -13.70 -32.88 2.30
CA LEU A 135 -14.88 -32.27 1.71
C LEU A 135 -16.11 -32.52 2.59
N LYS A 136 -16.89 -31.47 2.81
CA LYS A 136 -18.12 -31.56 3.59
C LYS A 136 -19.21 -30.77 2.88
N TYR A 137 -20.18 -31.47 2.32
CA TYR A 137 -21.34 -30.85 1.69
C TYR A 137 -22.43 -30.65 2.72
N THR A 138 -23.13 -29.53 2.62
CA THR A 138 -24.27 -29.24 3.49
C THR A 138 -25.51 -29.11 2.61
N VAL A 139 -26.54 -29.90 2.91
CA VAL A 139 -27.78 -29.89 2.15
C VAL A 139 -28.91 -29.49 3.09
N ILE A 140 -29.87 -28.75 2.56
CA ILE A 140 -31.04 -28.33 3.31
C ILE A 140 -32.28 -28.81 2.56
N ILE A 141 -33.19 -29.47 3.28
CA ILE A 141 -34.40 -30.05 2.75
C ILE A 141 -35.57 -29.35 3.40
N THR A 142 -36.48 -28.84 2.60
CA THR A 142 -37.64 -28.12 3.11
C THR A 142 -38.90 -28.65 2.44
N VAL A 143 -40.01 -28.60 3.16
CA VAL A 143 -41.28 -29.04 2.59
C VAL A 143 -41.91 -27.85 1.89
N HIS A 144 -42.38 -28.09 0.66
CA HIS A 144 -43.02 -27.05 -0.16
C HIS A 144 -44.44 -26.85 0.37
N THR A 145 -44.66 -25.82 1.17
CA THR A 145 -46.00 -25.61 1.71
C THR A 145 -46.17 -24.14 2.05
N GLY A 146 -47.33 -23.58 1.67
CA GLY A 146 -47.58 -22.15 1.80
C GLY A 146 -47.34 -21.60 3.19
N ASP A 147 -47.30 -22.47 4.19
CA ASP A 147 -47.18 -22.05 5.57
C ASP A 147 -45.76 -22.19 6.11
N VAL A 158 -34.49 -28.30 7.91
CA VAL A 158 -33.90 -29.63 8.13
C VAL A 158 -32.64 -29.79 7.31
N THR A 159 -31.49 -29.69 7.97
CA THR A 159 -30.20 -29.75 7.32
C THR A 159 -29.53 -31.10 7.56
N ALA A 160 -28.75 -31.53 6.56
CA ALA A 160 -28.00 -32.78 6.61
C ALA A 160 -26.61 -32.55 6.05
N GLU A 161 -25.61 -33.09 6.73
CA GLU A 161 -24.22 -32.95 6.31
C GLU A 161 -23.73 -34.25 5.70
N ILE A 162 -23.01 -34.13 4.59
CA ILE A 162 -22.58 -35.26 3.78
C ILE A 162 -21.06 -35.21 3.64
N THR A 163 -20.42 -36.36 3.84
CA THR A 163 -18.99 -36.53 3.73
C THR A 163 -18.73 -37.69 2.79
N PRO A 164 -17.68 -37.62 1.96
CA PRO A 164 -17.30 -38.81 1.18
C PRO A 164 -17.08 -40.04 2.07
N GLN A 165 -16.82 -39.81 3.36
CA GLN A 165 -16.74 -40.93 4.29
C GLN A 165 -18.12 -41.43 4.69
N ALA A 166 -19.03 -40.53 5.11
CA ALA A 166 -20.41 -40.88 5.45
C ALA A 166 -21.34 -40.32 4.38
N SER A 167 -21.52 -41.08 3.30
CA SER A 167 -22.20 -40.58 2.11
C SER A 167 -23.71 -40.54 2.26
N THR A 168 -24.32 -41.59 2.83
CA THR A 168 -25.76 -41.70 2.90
C THR A 168 -26.28 -41.17 4.23
N VAL A 169 -27.31 -40.34 4.16
CA VAL A 169 -27.87 -39.65 5.33
C VAL A 169 -29.37 -39.92 5.42
N GLU A 170 -29.84 -40.21 6.63
CA GLU A 170 -31.25 -40.33 6.93
C GLU A 170 -31.67 -39.08 7.70
N ALA A 171 -32.60 -38.32 7.14
CA ALA A 171 -33.03 -37.08 7.75
C ALA A 171 -34.49 -37.20 8.22
N ILE A 172 -34.79 -36.53 9.32
CA ILE A 172 -36.12 -36.55 9.90
C ILE A 172 -36.83 -35.25 9.54
N LEU A 173 -38.00 -35.37 8.90
CA LEU A 173 -38.89 -34.25 8.68
C LEU A 173 -40.00 -34.30 9.72
N PRO A 174 -40.08 -33.32 10.62
CA PRO A 174 -41.10 -33.38 11.68
C PRO A 174 -42.49 -33.39 11.11
N GLU A 175 -43.33 -34.29 11.62
CA GLU A 175 -44.71 -34.49 11.23
C GLU A 175 -44.83 -35.13 9.85
N TYR A 176 -43.73 -35.40 9.17
CA TYR A 176 -43.79 -35.94 7.81
C TYR A 176 -43.01 -37.23 7.58
N GLY A 177 -42.15 -37.66 8.52
CA GLY A 177 -41.46 -38.92 8.34
C GLY A 177 -39.97 -38.76 8.19
N THR A 178 -39.36 -39.66 7.44
CA THR A 178 -37.92 -39.67 7.20
C THR A 178 -37.62 -39.76 5.71
N LEU A 179 -36.60 -39.01 5.29
CA LEU A 179 -36.09 -39.00 3.93
C LEU A 179 -34.73 -39.68 3.89
N GLY A 180 -34.46 -40.42 2.82
CA GLY A 180 -33.15 -41.03 2.59
C GLY A 180 -32.41 -40.30 1.48
N LEU A 181 -31.13 -40.02 1.72
CA LEU A 181 -30.29 -39.30 0.78
C LEU A 181 -29.03 -40.11 0.51
N GLU A 182 -28.87 -40.56 -0.73
CA GLU A 182 -27.65 -41.24 -1.17
C GLU A 182 -26.97 -40.31 -2.17
N CYS A 183 -26.03 -39.50 -1.69
CA CYS A 183 -25.30 -38.54 -2.51
C CYS A 183 -23.90 -39.05 -2.80
N SER A 184 -23.34 -38.56 -3.90
CA SER A 184 -22.01 -38.95 -4.34
C SER A 184 -21.24 -37.71 -4.79
N PRO A 185 -20.23 -37.29 -4.02
CA PRO A 185 -19.49 -36.07 -4.39
C PRO A 185 -18.74 -36.24 -5.70
N ARG A 186 -18.90 -35.26 -6.59
CA ARG A 186 -18.27 -35.30 -7.90
C ARG A 186 -17.23 -34.19 -8.03
N ASP A 190 -7.59 -33.31 -10.34
CA ASP A 190 -8.16 -33.62 -9.03
C ASP A 190 -7.52 -32.76 -7.96
N PHE A 191 -7.91 -32.99 -6.70
CA PHE A 191 -7.40 -32.17 -5.60
C PHE A 191 -5.94 -32.52 -5.28
N ASN A 192 -5.49 -33.70 -5.71
CA ASN A 192 -4.10 -34.11 -5.46
C ASN A 192 -3.11 -33.32 -6.31
N GLU A 193 -3.51 -32.86 -7.49
CA GLU A 193 -2.62 -32.13 -8.38
C GLU A 193 -2.91 -30.63 -8.42
N MET A 194 -3.75 -30.12 -7.53
CA MET A 194 -4.06 -28.71 -7.51
C MET A 194 -3.80 -28.13 -6.12
N ILE A 195 -3.65 -26.81 -6.09
CA ILE A 195 -3.30 -26.07 -4.89
C ILE A 195 -4.23 -24.87 -4.82
N LEU A 196 -4.65 -24.52 -3.62
CA LEU A 196 -5.55 -23.40 -3.41
C LEU A 196 -4.75 -22.17 -3.01
N LEU A 197 -4.80 -21.13 -3.85
CA LEU A 197 -4.12 -19.87 -3.59
C LEU A 197 -5.04 -18.94 -2.82
N THR A 198 -4.61 -18.55 -1.62
CA THR A 198 -5.38 -17.69 -0.75
C THR A 198 -4.71 -16.33 -0.68
N MET A 199 -5.48 -15.28 -0.92
CA MET A 199 -5.07 -13.90 -0.83
C MET A 199 -5.88 -13.21 0.26
N LYS A 200 -5.82 -11.88 0.28
CA LYS A 200 -6.29 -11.07 1.40
C LYS A 200 -7.60 -11.60 1.98
N ASN A 201 -8.62 -11.83 1.13
CA ASN A 201 -9.80 -12.57 1.59
C ASN A 201 -10.38 -13.53 0.55
N LYS A 202 -9.81 -13.62 -0.66
CA LYS A 202 -10.35 -14.47 -1.72
C LYS A 202 -9.40 -15.65 -1.96
N ALA A 203 -9.82 -16.56 -2.84
CA ALA A 203 -8.97 -17.71 -3.13
C ALA A 203 -9.30 -18.26 -4.51
N TRP A 204 -8.31 -18.86 -5.15
CA TRP A 204 -8.48 -19.45 -6.47
C TRP A 204 -7.89 -20.87 -6.48
N MET A 205 -8.42 -21.69 -7.39
CA MET A 205 -7.97 -23.07 -7.54
C MET A 205 -7.00 -23.12 -8.72
N VAL A 206 -5.73 -23.42 -8.45
CA VAL A 206 -4.73 -23.37 -9.50
C VAL A 206 -3.97 -24.69 -9.53
N HIS A 207 -3.32 -24.96 -10.66
CA HIS A 207 -2.57 -26.19 -10.80
C HIS A 207 -1.34 -26.15 -9.90
N ARG A 208 -0.90 -27.32 -9.46
CA ARG A 208 0.21 -27.41 -8.52
C ARG A 208 1.48 -26.85 -9.14
N GLN A 209 1.78 -27.27 -10.37
CA GLN A 209 3.00 -26.82 -11.04
C GLN A 209 2.96 -25.32 -11.29
N TRP A 210 1.79 -24.78 -11.64
CA TRP A 210 1.68 -23.36 -11.89
C TRP A 210 1.99 -22.54 -10.65
N PHE A 211 1.43 -22.93 -9.50
CA PHE A 211 1.77 -22.27 -8.25
C PHE A 211 3.24 -22.44 -7.91
N PHE A 212 3.80 -23.61 -8.18
CA PHE A 212 5.19 -23.85 -7.82
C PHE A 212 6.15 -23.02 -8.63
N ASP A 213 5.77 -22.63 -9.85
CA ASP A 213 6.63 -21.84 -10.72
C ASP A 213 6.30 -20.35 -10.67
N LEU A 214 5.68 -19.89 -9.60
CA LEU A 214 5.40 -18.47 -9.48
C LEU A 214 6.68 -17.73 -9.09
N PRO A 215 7.04 -16.66 -9.80
CA PRO A 215 8.29 -15.93 -9.53
C PRO A 215 8.16 -14.94 -8.37
N LEU A 216 8.05 -15.48 -7.16
CA LEU A 216 7.97 -14.69 -5.94
C LEU A 216 8.73 -15.41 -4.84
N PRO A 217 9.35 -14.66 -3.92
CA PRO A 217 10.03 -15.29 -2.79
C PRO A 217 9.03 -16.03 -1.92
N TRP A 218 9.45 -17.18 -1.39
CA TRP A 218 8.55 -18.03 -0.64
C TRP A 218 9.23 -18.61 0.59
N THR A 219 8.41 -19.06 1.53
CA THR A 219 8.87 -19.76 2.73
C THR A 219 7.77 -20.70 3.19
N SER A 220 8.18 -21.72 3.95
CA SER A 220 7.25 -22.72 4.50
C SER A 220 7.05 -22.59 6.01
N GLY A 221 7.68 -21.60 6.66
CA GLY A 221 7.63 -21.41 8.11
C GLY A 221 7.54 -22.66 8.98
N THR A 224 6.05 -21.08 11.68
CA THR A 224 6.77 -20.21 12.62
C THR A 224 6.97 -18.82 12.05
N GLU A 225 6.70 -17.80 12.86
CA GLU A 225 6.95 -16.45 12.38
C GLU A 225 8.44 -16.10 12.54
N THR A 226 8.81 -14.91 12.05
CA THR A 226 10.20 -14.47 11.90
C THR A 226 10.91 -15.54 11.07
N PRO A 227 10.42 -15.73 9.84
CA PRO A 227 10.84 -16.83 8.95
C PRO A 227 12.16 -16.65 8.22
N THR A 228 12.37 -17.56 7.27
CA THR A 228 13.48 -17.48 6.32
C THR A 228 12.89 -17.64 4.91
N TRP A 229 13.09 -16.61 4.06
CA TRP A 229 12.54 -16.57 2.70
C TRP A 229 13.54 -17.07 1.65
N ASN A 230 13.04 -17.85 0.71
CA ASN A 230 13.83 -18.38 -0.36
C ASN A 230 13.65 -17.53 -1.62
N ARG A 231 14.62 -17.62 -2.51
CA ARG A 231 14.55 -16.94 -3.81
C ARG A 231 14.26 -15.44 -3.65
N LYS A 232 14.87 -14.80 -2.65
CA LYS A 232 14.63 -13.38 -2.43
C LYS A 232 15.07 -12.52 -3.61
N GLU A 233 15.93 -13.05 -4.48
CA GLU A 233 16.35 -12.33 -5.67
C GLU A 233 15.18 -12.08 -6.62
N LEU A 234 14.04 -12.74 -6.39
CA LEU A 234 12.86 -12.50 -7.21
C LEU A 234 12.18 -11.17 -6.87
N LEU A 235 12.53 -10.56 -5.74
CA LEU A 235 12.03 -9.24 -5.39
C LEU A 235 13.10 -8.22 -5.04
N VAL A 236 14.32 -8.64 -4.74
CA VAL A 236 15.43 -7.73 -4.45
C VAL A 236 16.63 -8.13 -5.30
N THR A 237 17.07 -7.22 -6.17
CA THR A 237 18.28 -7.40 -6.98
C THR A 237 19.13 -6.14 -6.91
N PHE A 238 20.23 -6.14 -7.65
CA PHE A 238 21.14 -5.00 -7.69
C PHE A 238 21.37 -4.55 -9.13
N GLU A 247 23.12 0.32 -6.94
CA GLU A 247 21.88 0.64 -6.22
C GLU A 247 21.00 -0.61 -6.14
N VAL A 248 20.33 -0.78 -5.00
CA VAL A 248 19.49 -1.94 -4.75
C VAL A 248 18.03 -1.55 -4.92
N VAL A 249 17.25 -2.43 -5.57
CA VAL A 249 15.88 -2.12 -5.95
C VAL A 249 14.92 -3.19 -5.45
N VAL A 250 13.71 -2.76 -5.12
CA VAL A 250 12.59 -3.63 -4.81
C VAL A 250 11.63 -3.63 -5.99
N LEU A 251 11.11 -4.79 -6.34
CA LEU A 251 10.28 -4.89 -7.53
C LEU A 251 8.90 -4.26 -7.32
N GLY A 252 8.43 -4.18 -6.08
CA GLY A 252 7.16 -3.56 -5.76
C GLY A 252 6.06 -4.59 -5.57
N SER A 253 4.89 -4.08 -5.17
CA SER A 253 3.77 -4.95 -4.85
C SER A 253 3.32 -5.71 -6.09
N GLN A 254 3.49 -7.03 -6.08
CA GLN A 254 3.04 -7.89 -7.18
C GLN A 254 1.60 -8.33 -7.01
N GLU A 255 0.82 -7.63 -6.18
CA GLU A 255 -0.57 -7.99 -5.94
C GLU A 255 -1.38 -7.93 -7.23
N GLY A 256 -1.32 -6.79 -7.92
CA GLY A 256 -2.10 -6.63 -9.14
C GLY A 256 -1.72 -7.62 -10.22
N ALA A 257 -0.43 -7.94 -10.32
CA ALA A 257 0.00 -8.95 -11.29
C ALA A 257 -0.64 -10.29 -10.99
N MET A 258 -0.74 -10.67 -9.71
CA MET A 258 -1.38 -11.92 -9.35
C MET A 258 -2.86 -11.91 -9.72
N HIS A 259 -3.55 -10.81 -9.36
CA HIS A 259 -4.97 -10.70 -9.68
C HIS A 259 -5.19 -10.79 -11.18
N THR A 260 -4.31 -10.19 -11.97
CA THR A 260 -4.40 -10.31 -13.42
C THR A 260 -4.19 -11.75 -13.86
N ALA A 261 -3.23 -12.45 -13.25
CA ALA A 261 -2.94 -13.83 -13.60
C ALA A 261 -4.08 -14.78 -13.25
N LEU A 262 -4.99 -14.39 -12.34
CA LEU A 262 -6.08 -15.27 -11.92
C LEU A 262 -7.44 -14.89 -12.49
N THR A 263 -7.51 -14.00 -13.48
CA THR A 263 -8.80 -13.57 -14.02
C THR A 263 -9.56 -14.72 -14.64
N GLY A 264 -8.87 -15.73 -15.15
CA GLY A 264 -9.52 -16.92 -15.68
C GLY A 264 -9.70 -18.04 -14.68
N ALA A 265 -9.47 -17.75 -13.40
CA ALA A 265 -9.52 -18.76 -12.35
C ALA A 265 -10.90 -18.83 -11.70
N THR A 266 -11.07 -19.82 -10.83
CA THR A 266 -12.30 -20.08 -10.08
C THR A 266 -12.22 -19.37 -8.74
N GLU A 267 -13.10 -18.41 -8.50
CA GLU A 267 -13.02 -17.63 -7.26
C GLU A 267 -13.86 -18.31 -6.18
N ILE A 268 -13.23 -18.57 -5.03
CA ILE A 268 -13.93 -19.07 -3.86
C ILE A 268 -13.57 -18.19 -2.66
N GLN A 269 -14.17 -18.53 -1.51
CA GLN A 269 -14.07 -17.76 -0.29
C GLN A 269 -13.34 -18.55 0.79
N ASN A 270 -12.44 -17.89 1.51
CA ASN A 270 -11.64 -18.53 2.55
C ASN A 270 -12.00 -17.99 3.94
N SER A 271 -12.03 -18.88 4.92
CA SER A 271 -12.21 -18.51 6.32
C SER A 271 -11.77 -19.65 7.24
N GLY A 273 -11.45 -23.62 7.57
CA GLY A 273 -12.08 -24.18 6.38
C GLY A 273 -12.26 -23.17 5.27
N THR A 274 -12.74 -23.63 4.12
CA THR A 274 -12.95 -22.76 2.96
C THR A 274 -14.20 -23.20 2.22
N SER A 275 -14.93 -22.22 1.66
CA SER A 275 -16.20 -22.44 0.98
C SER A 275 -15.99 -22.52 -0.52
N ILE A 276 -16.30 -23.66 -1.12
CA ILE A 276 -16.15 -23.83 -2.56
C ILE A 276 -17.50 -23.62 -3.23
N GLY A 279 -18.20 -28.95 -6.28
CA GLY A 279 -19.18 -27.91 -6.50
C GLY A 279 -20.58 -28.44 -6.75
N HIS A 280 -20.66 -29.55 -7.46
CA HIS A 280 -21.92 -30.22 -7.73
C HIS A 280 -22.02 -31.50 -6.92
N LEU A 281 -23.25 -32.03 -6.82
CA LEU A 281 -23.52 -33.21 -6.02
C LEU A 281 -24.67 -33.98 -6.64
N LYS A 282 -24.42 -35.23 -7.04
CA LYS A 282 -25.49 -36.07 -7.58
C LYS A 282 -26.05 -36.92 -6.44
N CYS A 283 -27.36 -36.82 -6.21
CA CYS A 283 -27.98 -37.50 -5.09
C CYS A 283 -29.22 -38.28 -5.52
N ARG A 284 -29.63 -39.21 -4.67
CA ARG A 284 -30.85 -39.98 -4.82
C ARG A 284 -31.67 -39.85 -3.53
N LEU A 285 -32.94 -39.44 -3.69
CA LEU A 285 -33.85 -39.28 -2.57
C LEU A 285 -34.83 -40.45 -2.52
N LYS A 286 -34.93 -41.08 -1.35
CA LYS A 286 -35.87 -42.17 -1.09
C LYS A 286 -36.95 -41.62 -0.17
N MET A 287 -38.16 -41.50 -0.71
CA MET A 287 -39.32 -40.98 0.00
C MET A 287 -40.29 -42.08 0.39
N ASP A 288 -39.81 -43.33 0.47
CA ASP A 288 -40.68 -44.45 0.80
C ASP A 288 -41.31 -44.28 2.19
N LYS A 289 -40.51 -43.87 3.17
CA LYS A 289 -40.99 -43.69 4.53
C LYS A 289 -41.49 -42.28 4.79
N LEU A 290 -41.57 -41.44 3.76
CA LEU A 290 -42.06 -40.08 3.92
C LEU A 290 -43.59 -40.08 3.93
N GLU A 291 -44.17 -39.37 4.89
CA GLU A 291 -45.62 -39.40 5.12
C GLU A 291 -46.23 -38.03 4.86
N LEU A 292 -47.34 -38.01 4.12
CA LEU A 292 -48.02 -36.79 3.75
C LEU A 292 -49.12 -36.46 4.75
N LYS A 293 -49.09 -35.23 5.28
CA LYS A 293 -49.99 -34.81 6.35
C LYS A 293 -51.19 -34.07 5.77
N GLY A 294 -52.36 -34.28 6.37
CA GLY A 294 -53.56 -33.55 6.02
C GLY A 294 -54.41 -34.12 4.91
N MET A 295 -54.34 -35.43 4.67
CA MET A 295 -55.19 -36.06 3.66
C MET A 295 -56.59 -36.37 4.16
N SER A 296 -56.79 -36.43 5.48
CA SER A 296 -58.07 -36.81 6.05
C SER A 296 -59.01 -35.62 6.27
N TYR A 297 -58.60 -34.40 5.93
CA TYR A 297 -59.47 -33.25 6.09
C TYR A 297 -60.54 -33.24 5.01
N ALA A 298 -61.64 -32.57 5.30
CA ALA A 298 -62.71 -32.37 4.33
C ALA A 298 -62.40 -31.19 3.42
N MET A 299 -63.25 -30.99 2.41
CA MET A 299 -63.12 -29.86 1.50
C MET A 299 -63.81 -28.62 2.06
N CYS A 300 -63.27 -27.46 1.70
CA CYS A 300 -63.88 -26.19 2.07
C CYS A 300 -64.96 -25.81 1.06
N LEU A 301 -66.12 -25.44 1.57
CA LEU A 301 -67.29 -25.20 0.71
C LEU A 301 -67.60 -23.73 0.51
N ASN A 302 -66.96 -22.83 1.25
CA ASN A 302 -67.23 -21.41 1.13
C ASN A 302 -66.27 -20.81 0.09
N THR A 303 -66.22 -19.48 0.04
CA THR A 303 -65.50 -18.77 -1.01
C THR A 303 -64.10 -18.38 -0.53
N PHE A 304 -63.17 -18.35 -1.46
CA PHE A 304 -61.81 -17.90 -1.22
C PHE A 304 -61.64 -16.47 -1.72
N VAL A 305 -60.79 -15.71 -1.03
CA VAL A 305 -60.51 -14.32 -1.37
C VAL A 305 -59.06 -14.19 -1.77
N LEU A 306 -58.82 -13.62 -2.95
CA LEU A 306 -57.47 -13.43 -3.45
C LEU A 306 -56.75 -12.39 -2.62
N LYS A 307 -55.76 -12.81 -1.83
CA LYS A 307 -54.98 -11.88 -1.02
C LYS A 307 -53.88 -11.20 -1.83
N LYS A 308 -53.46 -11.79 -2.93
CA LYS A 308 -52.39 -11.20 -3.73
C LYS A 308 -52.58 -11.61 -5.18
N GLU A 309 -52.06 -10.77 -6.08
CA GLU A 309 -52.23 -11.04 -7.50
C GLU A 309 -51.48 -12.30 -7.89
N VAL A 310 -52.15 -13.16 -8.67
CA VAL A 310 -51.52 -14.38 -9.13
C VAL A 310 -50.39 -14.02 -10.10
N SER A 311 -49.25 -14.70 -9.95
CA SER A 311 -48.09 -14.37 -10.76
C SER A 311 -47.44 -15.66 -11.28
N GLU A 312 -46.82 -15.54 -12.45
CA GLU A 312 -46.15 -16.66 -13.10
C GLU A 312 -44.68 -16.63 -12.76
N THR A 313 -44.12 -17.81 -12.51
CA THR A 313 -42.72 -17.92 -12.15
C THR A 313 -41.89 -18.07 -13.42
N GLN A 314 -40.57 -18.07 -13.24
CA GLN A 314 -39.64 -18.21 -14.36
C GLN A 314 -39.77 -19.54 -15.11
N HIS A 315 -40.66 -20.43 -14.64
CA HIS A 315 -40.79 -21.75 -15.26
C HIS A 315 -42.24 -22.09 -15.60
N GLY A 316 -43.13 -21.10 -15.69
CA GLY A 316 -44.52 -21.33 -16.00
C GLY A 316 -45.44 -21.56 -14.83
N THR A 317 -44.93 -22.01 -13.68
CA THR A 317 -45.79 -22.25 -12.53
C THR A 317 -46.32 -20.92 -11.98
N ILE A 318 -47.48 -21.00 -11.34
CA ILE A 318 -48.17 -19.82 -10.83
C ILE A 318 -48.32 -19.93 -9.32
N LEU A 319 -48.21 -18.79 -8.65
CA LEU A 319 -48.40 -18.67 -7.21
C LEU A 319 -49.67 -17.88 -6.95
N ILE A 320 -50.53 -18.41 -6.09
CA ILE A 320 -51.80 -17.80 -5.73
C ILE A 320 -51.84 -17.63 -4.22
N LYS A 321 -51.93 -16.38 -3.76
CA LYS A 321 -52.04 -16.10 -2.32
C LYS A 321 -53.49 -15.76 -2.04
N VAL A 322 -54.16 -16.65 -1.28
CA VAL A 322 -55.59 -16.55 -1.03
C VAL A 322 -55.87 -16.60 0.46
N GLU A 323 -57.03 -16.06 0.83
CA GLU A 323 -57.53 -16.13 2.19
C GLU A 323 -58.95 -16.69 2.16
N TYR A 324 -59.27 -17.53 3.15
CA TYR A 324 -60.57 -18.18 3.21
C TYR A 324 -61.56 -17.32 3.99
N LYS A 325 -62.82 -17.36 3.55
CA LYS A 325 -63.90 -16.60 4.17
C LYS A 325 -65.00 -17.58 4.55
N GLY A 326 -65.15 -17.85 5.84
CA GLY A 326 -66.14 -18.81 6.29
C GLY A 326 -65.63 -19.66 7.44
N GLU A 327 -66.41 -19.78 8.51
CA GLU A 327 -65.98 -20.49 9.71
C GLU A 327 -66.09 -22.01 9.53
N ASP A 328 -65.32 -22.50 8.56
CA ASP A 328 -65.09 -23.92 8.39
C ASP A 328 -64.00 -24.40 9.33
N ALA A 329 -63.41 -25.54 9.03
CA ALA A 329 -62.36 -26.12 9.84
C ALA A 329 -61.11 -26.22 8.97
N PRO A 330 -59.97 -26.64 9.53
CA PRO A 330 -58.85 -27.02 8.65
C PRO A 330 -59.30 -28.00 7.58
N CYS A 331 -59.13 -27.59 6.32
CA CYS A 331 -59.80 -28.22 5.20
C CYS A 331 -58.86 -28.31 4.01
N LYS A 332 -59.26 -29.13 3.04
CA LYS A 332 -58.62 -29.14 1.74
C LYS A 332 -59.15 -27.98 0.90
N ILE A 333 -58.26 -27.35 0.15
CA ILE A 333 -58.63 -26.27 -0.76
C ILE A 333 -59.01 -26.91 -2.10
N PRO A 334 -60.26 -26.77 -2.55
CA PRO A 334 -60.64 -27.35 -3.84
C PRO A 334 -59.87 -26.70 -4.98
N PHE A 335 -59.17 -27.52 -5.75
CA PHE A 335 -58.33 -27.02 -6.82
C PHE A 335 -58.52 -27.84 -8.08
N SER A 336 -58.86 -27.17 -9.18
CA SER A 336 -59.10 -27.83 -10.45
C SER A 336 -58.58 -26.96 -11.58
N THR A 337 -58.22 -27.62 -12.68
CA THR A 337 -57.69 -26.92 -13.84
C THR A 337 -58.50 -27.28 -15.09
N ARG A 348 -52.38 -29.88 -12.31
CA ARG A 348 -51.18 -30.38 -11.65
C ARG A 348 -50.68 -29.41 -10.59
N LEU A 349 -50.54 -29.89 -9.36
CA LEU A 349 -50.13 -29.05 -8.24
C LEU A 349 -48.66 -29.26 -7.93
N ILE A 350 -47.93 -28.17 -7.75
CA ILE A 350 -46.59 -28.26 -7.19
C ILE A 350 -46.66 -28.33 -5.67
N THR A 351 -47.50 -27.49 -5.05
CA THR A 351 -47.75 -27.58 -3.62
C THR A 351 -48.74 -28.70 -3.37
N ALA A 352 -48.32 -29.72 -2.63
CA ALA A 352 -49.13 -30.91 -2.41
C ALA A 352 -50.10 -30.67 -1.26
N ASN A 353 -51.36 -30.99 -1.48
CA ASN A 353 -52.42 -30.94 -0.48
C ASN A 353 -52.51 -29.60 0.21
N PRO A 354 -52.97 -28.54 -0.47
CA PRO A 354 -53.13 -27.25 0.19
C PRO A 354 -54.22 -27.31 1.25
N VAL A 355 -53.93 -26.72 2.41
CA VAL A 355 -54.82 -26.79 3.57
C VAL A 355 -54.90 -25.41 4.21
N VAL A 356 -56.11 -24.97 4.51
CA VAL A 356 -56.33 -23.77 5.31
C VAL A 356 -56.41 -24.19 6.77
N THR A 357 -55.48 -23.70 7.59
CA THR A 357 -55.50 -24.06 9.00
C THR A 357 -56.35 -23.10 9.82
N LYS A 358 -56.31 -21.82 9.48
CA LYS A 358 -57.15 -20.81 10.12
C LYS A 358 -57.66 -19.86 9.05
N LYS A 359 -58.84 -19.30 9.29
CA LYS A 359 -59.40 -18.32 8.37
C LYS A 359 -58.55 -17.07 8.29
N GLU A 360 -57.88 -16.71 9.38
CA GLU A 360 -57.15 -15.45 9.46
C GLU A 360 -55.81 -15.50 8.74
N GLU A 361 -55.17 -16.68 8.66
CA GLU A 361 -53.86 -16.78 8.04
C GLU A 361 -54.01 -17.23 6.60
N PRO A 362 -53.52 -16.46 5.62
CA PRO A 362 -53.65 -16.85 4.22
C PRO A 362 -52.76 -18.04 3.86
N VAL A 363 -53.01 -18.58 2.67
CA VAL A 363 -52.25 -19.72 2.14
C VAL A 363 -51.77 -19.41 0.73
N ASN A 364 -50.53 -19.82 0.45
CA ASN A 364 -49.91 -19.69 -0.86
C ASN A 364 -49.94 -21.05 -1.56
N ILE A 365 -50.47 -21.08 -2.79
CA ILE A 365 -50.58 -22.31 -3.56
C ILE A 365 -49.80 -22.16 -4.85
N GLU A 366 -48.94 -23.14 -5.14
CA GLU A 366 -48.21 -23.17 -6.40
C GLU A 366 -48.75 -24.28 -7.29
N ALA A 367 -49.10 -23.95 -8.52
CA ALA A 367 -49.61 -24.93 -9.47
C ALA A 367 -48.91 -24.76 -10.81
N GLU A 368 -48.80 -25.84 -11.58
CA GLU A 368 -48.31 -25.70 -12.95
C GLU A 368 -49.47 -25.65 -13.93
N PRO A 369 -49.78 -24.50 -14.51
CA PRO A 369 -50.91 -24.39 -15.44
C PRO A 369 -50.57 -25.00 -16.78
N PRO A 370 -51.55 -25.49 -17.52
CA PRO A 370 -51.28 -25.94 -18.90
C PRO A 370 -50.94 -24.75 -19.78
N PHE A 371 -50.13 -25.02 -20.80
CA PHE A 371 -49.69 -23.96 -21.70
C PHE A 371 -50.84 -23.55 -22.60
N GLY A 372 -51.08 -22.25 -22.71
CA GLY A 372 -52.27 -21.73 -23.35
C GLY A 372 -53.35 -21.38 -22.33
N GLU A 373 -54.45 -20.87 -22.86
CA GLU A 373 -55.57 -20.45 -22.03
C GLU A 373 -56.11 -21.58 -21.18
N SER A 374 -56.36 -21.28 -19.90
CA SER A 374 -56.90 -22.29 -18.99
C SER A 374 -57.61 -21.57 -17.84
N ASN A 375 -58.51 -22.31 -17.20
CA ASN A 375 -59.28 -21.82 -16.06
C ASN A 375 -58.80 -22.53 -14.80
N ILE A 376 -58.33 -21.75 -13.84
CA ILE A 376 -57.93 -22.23 -12.52
C ILE A 376 -59.09 -21.98 -11.57
N VAL A 377 -59.64 -23.06 -11.01
CA VAL A 377 -60.78 -22.97 -10.12
C VAL A 377 -60.31 -23.27 -8.71
N ILE A 378 -60.56 -22.34 -7.79
CA ILE A 378 -60.26 -22.50 -6.37
C ILE A 378 -61.57 -22.41 -5.62
N GLY A 379 -61.98 -23.52 -5.00
CA GLY A 379 -63.27 -23.64 -4.36
C GLY A 379 -64.24 -24.44 -5.21
N ILE A 380 -65.47 -24.53 -4.71
CA ILE A 380 -66.52 -25.25 -5.42
C ILE A 380 -67.75 -24.36 -5.60
N ALA A 384 -66.85 -19.50 -4.67
CA ALA A 384 -65.94 -20.05 -5.66
C ALA A 384 -65.11 -18.95 -6.32
N LEU A 385 -63.92 -19.31 -6.79
CA LEU A 385 -63.05 -18.36 -7.47
C LEU A 385 -62.57 -18.96 -8.78
N LYS A 386 -62.76 -18.23 -9.88
CA LYS A 386 -62.33 -18.66 -11.20
C LYS A 386 -61.29 -17.66 -11.71
N ILE A 387 -60.20 -18.18 -12.27
CA ILE A 387 -59.06 -17.38 -12.67
C ILE A 387 -58.69 -17.78 -14.09
N ASN A 388 -58.40 -16.80 -14.93
CA ASN A 388 -58.05 -17.03 -16.33
C ASN A 388 -56.55 -16.85 -16.49
N TRP A 389 -55.87 -17.88 -16.97
CA TRP A 389 -54.43 -17.81 -17.22
C TRP A 389 -54.13 -18.18 -18.66
N TYR A 390 -52.93 -17.78 -19.10
CA TYR A 390 -52.47 -18.09 -20.45
C TYR A 390 -51.16 -18.85 -20.39
N MET B 1 43.37 13.99 -7.22
CA MET B 1 42.92 15.34 -7.54
C MET B 1 41.64 15.29 -8.37
N ARG B 2 41.77 14.86 -9.63
CA ARG B 2 40.63 14.75 -10.52
C ARG B 2 41.05 14.00 -11.76
N CYS B 3 40.12 13.18 -12.27
CA CYS B 3 40.25 12.39 -13.49
C CYS B 3 41.27 11.27 -13.29
N VAL B 4 41.93 11.26 -12.15
CA VAL B 4 42.92 10.25 -11.83
C VAL B 4 42.23 9.16 -11.03
N GLY B 5 42.54 7.91 -11.34
CA GLY B 5 41.88 6.80 -10.69
C GLY B 5 40.60 6.36 -11.35
N VAL B 6 40.15 7.05 -12.39
CA VAL B 6 38.97 6.63 -13.14
C VAL B 6 39.40 5.59 -14.15
N GLY B 7 38.69 4.46 -14.20
CA GLY B 7 39.09 3.38 -15.08
C GLY B 7 38.85 3.69 -16.55
N ASN B 8 37.68 4.23 -16.88
CA ASN B 8 37.39 4.62 -18.25
C ASN B 8 37.87 6.05 -18.45
N ARG B 9 39.20 6.17 -18.61
CA ARG B 9 39.87 7.45 -18.79
C ARG B 9 40.61 7.41 -20.12
N ASP B 10 40.47 8.47 -20.91
CA ASP B 10 41.11 8.56 -22.21
C ASP B 10 42.17 9.65 -22.21
N PHE B 11 43.30 9.36 -22.86
CA PHE B 11 44.36 10.33 -23.09
C PHE B 11 44.34 10.67 -24.57
N VAL B 12 44.02 11.93 -24.88
CA VAL B 12 43.93 12.42 -26.26
C VAL B 12 44.93 13.55 -26.44
N GLU B 13 45.66 13.51 -27.55
CA GLU B 13 46.70 14.48 -27.85
C GLU B 13 46.33 15.31 -29.07
N GLY B 14 46.68 16.59 -29.03
CA GLY B 14 46.50 17.50 -30.13
C GLY B 14 47.32 17.11 -31.36
N LEU B 15 46.67 17.05 -32.51
CA LEU B 15 47.30 16.58 -33.74
C LEU B 15 48.39 17.53 -34.21
N SER B 16 49.27 17.00 -35.06
CA SER B 16 50.32 17.79 -35.69
C SER B 16 49.76 19.00 -36.42
N THR B 19 45.63 24.32 -30.20
CA THR B 19 45.01 23.98 -31.48
C THR B 19 43.62 23.40 -31.27
N TRP B 20 43.30 22.34 -32.01
CA TRP B 20 42.02 21.65 -31.87
C TRP B 20 42.25 20.25 -31.31
N VAL B 21 41.29 19.79 -30.51
CA VAL B 21 41.32 18.47 -29.90
C VAL B 21 39.91 17.90 -29.94
N ASP B 22 39.76 16.69 -30.47
CA ASP B 22 38.48 16.02 -30.56
C ASP B 22 38.35 14.97 -29.47
N VAL B 23 37.25 15.03 -28.72
CA VAL B 23 37.02 14.13 -27.59
C VAL B 23 35.59 13.61 -27.65
N VAL B 24 35.36 12.54 -26.90
CA VAL B 24 34.03 11.95 -26.71
C VAL B 24 33.80 11.79 -25.22
N LEU B 25 32.80 12.48 -24.70
CA LEU B 25 32.48 12.41 -23.28
C LEU B 25 31.31 11.46 -23.06
N GLU B 26 31.44 10.63 -22.02
CA GLU B 26 30.38 9.73 -21.61
C GLU B 26 30.26 9.79 -20.10
N HIS B 27 29.06 9.53 -19.59
CA HIS B 27 28.83 9.63 -18.15
C HIS B 27 29.67 8.59 -17.42
N GLY B 28 30.11 8.96 -16.21
CA GLY B 28 31.01 8.14 -15.46
C GLY B 28 32.42 8.10 -16.01
N GLY B 29 32.71 8.79 -17.11
CA GLY B 29 34.02 8.78 -17.69
C GLY B 29 34.65 10.16 -17.76
N CYS B 30 35.97 10.19 -17.86
CA CYS B 30 36.70 11.44 -17.93
C CYS B 30 37.80 11.33 -18.97
N VAL B 31 38.07 12.43 -19.67
CA VAL B 31 39.07 12.49 -20.72
C VAL B 31 40.13 13.51 -20.32
N THR B 32 41.39 13.13 -20.46
CA THR B 32 42.52 14.01 -20.20
C THR B 32 43.24 14.31 -21.51
N THR B 33 43.23 15.58 -21.92
CA THR B 33 43.83 16.00 -23.19
C THR B 33 45.05 16.86 -22.95
N MET B 34 46.05 16.69 -23.83
CA MET B 34 47.32 17.37 -23.71
C MET B 34 47.79 17.81 -25.10
N ALA B 35 48.38 19.00 -25.17
CA ALA B 35 48.83 19.54 -26.45
C ALA B 35 50.12 20.33 -26.25
N LYS B 36 50.81 20.56 -27.36
CA LYS B 36 52.09 21.25 -27.34
C LYS B 36 51.91 22.70 -26.86
N ASN B 37 52.67 23.06 -25.82
CA ASN B 37 52.64 24.38 -25.20
C ASN B 37 51.27 24.72 -24.61
N LYS B 38 50.46 23.72 -24.28
CA LYS B 38 49.14 23.97 -23.75
C LYS B 38 48.94 23.18 -22.46
N PRO B 39 48.19 23.72 -21.51
CA PRO B 39 47.97 23.01 -20.24
C PRO B 39 47.14 21.76 -20.44
N THR B 40 47.39 20.75 -19.60
CA THR B 40 46.62 19.52 -19.61
C THR B 40 45.37 19.71 -18.75
N LEU B 41 44.20 19.48 -19.35
CA LEU B 41 42.92 19.68 -18.69
C LEU B 41 42.10 18.39 -18.71
N ASP B 42 41.18 18.29 -17.76
CA ASP B 42 40.29 17.14 -17.61
C ASP B 42 38.86 17.53 -17.97
N ILE B 43 38.33 16.91 -19.02
CA ILE B 43 36.96 17.13 -19.45
C ILE B 43 36.09 15.98 -18.93
N GLU B 44 34.96 16.33 -18.33
CA GLU B 44 34.08 15.36 -17.71
C GLU B 44 32.64 15.80 -17.93
N LEU B 45 31.78 14.86 -18.30
CA LEU B 45 30.36 15.15 -18.51
C LEU B 45 29.65 14.96 -17.18
N GLN B 46 29.40 16.07 -16.48
CA GLN B 46 28.84 16.00 -15.14
C GLN B 46 27.37 15.61 -15.17
N LYS B 47 26.55 16.36 -15.91
CA LYS B 47 25.11 16.12 -15.93
C LYS B 47 24.59 16.21 -17.35
N THR B 48 23.51 15.47 -17.60
CA THR B 48 22.72 15.58 -18.82
C THR B 48 21.26 15.55 -18.37
N GLU B 49 20.57 16.68 -18.53
CA GLU B 49 19.26 16.85 -17.95
C GLU B 49 18.21 17.14 -19.03
N ALA B 50 16.96 16.93 -18.64
CA ALA B 50 15.80 17.46 -19.37
C ALA B 50 15.27 18.61 -18.53
N THR B 51 15.27 19.81 -19.11
CA THR B 51 15.13 21.02 -18.31
C THR B 51 13.72 21.18 -17.76
N GLN B 52 12.75 21.29 -18.65
CA GLN B 52 11.36 21.52 -18.28
C GLN B 52 10.50 20.54 -19.05
N LEU B 53 9.66 19.80 -18.32
CA LEU B 53 8.84 18.76 -18.90
C LEU B 53 7.40 19.02 -18.52
N ALA B 54 6.50 18.69 -19.44
CA ALA B 54 5.06 18.83 -19.20
C ALA B 54 4.50 17.46 -18.84
N THR B 55 3.79 17.39 -17.72
CA THR B 55 3.16 16.15 -17.31
C THR B 55 1.92 15.93 -18.17
N LEU B 56 2.00 14.95 -19.07
CA LEU B 56 0.89 14.68 -19.98
C LEU B 56 -0.20 13.85 -19.32
N ARG B 57 0.18 12.78 -18.63
CA ARG B 57 -0.78 11.89 -18.02
C ARG B 57 -0.32 11.47 -16.64
N LYS B 58 -1.28 11.02 -15.84
CA LYS B 58 -1.01 10.39 -14.56
C LYS B 58 -1.73 9.06 -14.55
N LEU B 59 -0.97 7.97 -14.46
CA LEU B 59 -1.56 6.64 -14.41
C LEU B 59 -1.77 6.25 -12.96
N CYS B 60 -2.91 5.62 -12.69
CA CYS B 60 -3.25 5.16 -11.35
C CYS B 60 -2.82 3.72 -11.19
N ILE B 61 -1.90 3.48 -10.26
CA ILE B 61 -1.42 2.13 -9.99
C ILE B 61 -2.04 1.52 -8.74
N GLU B 62 -2.55 2.33 -7.81
CA GLU B 62 -3.27 1.80 -6.65
C GLU B 62 -4.43 2.73 -6.33
N GLY B 63 -5.65 2.18 -6.34
CA GLY B 63 -6.84 2.97 -6.08
C GLY B 63 -7.70 2.38 -4.98
N LYS B 64 -8.61 3.21 -4.50
CA LYS B 64 -9.52 2.88 -3.41
C LYS B 64 -10.95 3.14 -3.86
N ILE B 65 -11.89 2.52 -3.16
CA ILE B 65 -13.32 2.63 -3.47
C ILE B 65 -14.05 3.19 -2.25
N THR B 66 -14.93 4.16 -2.49
CA THR B 66 -15.81 4.76 -1.48
C THR B 66 -17.20 4.93 -2.10
N ASN B 67 -18.16 5.37 -1.28
CA ASN B 67 -19.56 5.65 -1.69
C ASN B 67 -20.11 4.57 -2.63
N ILE B 68 -20.32 3.37 -2.10
CA ILE B 68 -20.98 2.35 -2.92
C ILE B 68 -22.48 2.62 -2.91
N THR B 69 -23.09 2.66 -4.08
CA THR B 69 -24.50 2.96 -4.22
C THR B 69 -25.16 1.90 -5.10
N THR B 70 -26.42 1.61 -4.81
CA THR B 70 -27.10 0.53 -5.50
C THR B 70 -28.49 1.00 -5.89
N ASP B 71 -29.01 0.45 -6.98
CA ASP B 71 -30.38 0.73 -7.38
C ASP B 71 -30.93 -0.52 -8.05
N SER B 72 -32.08 -0.99 -7.56
CA SER B 72 -32.71 -2.19 -8.09
C SER B 72 -34.16 -1.88 -8.40
N ARG B 73 -34.72 -2.63 -9.35
CA ARG B 73 -36.11 -2.48 -9.73
C ARG B 73 -36.71 -3.85 -9.94
N CYS B 74 -38.02 -3.92 -9.79
CA CYS B 74 -38.76 -5.16 -10.02
C CYS B 74 -38.93 -5.40 -11.52
N PRO B 75 -39.20 -6.65 -11.91
CA PRO B 75 -39.50 -6.92 -13.32
C PRO B 75 -40.68 -6.09 -13.79
N THR B 76 -40.73 -5.86 -15.10
CA THR B 76 -41.73 -5.03 -15.76
C THR B 76 -41.70 -3.58 -15.32
N GLN B 77 -40.70 -3.18 -14.52
CA GLN B 77 -40.53 -1.78 -14.15
C GLN B 77 -39.31 -1.15 -14.80
N GLY B 78 -38.58 -1.88 -15.64
CA GLY B 78 -37.50 -1.30 -16.41
C GLY B 78 -36.16 -1.37 -15.71
N GLU B 79 -35.17 -0.76 -16.36
CA GLU B 79 -33.82 -0.77 -15.84
C GLU B 79 -33.67 0.20 -14.68
N ALA B 80 -32.69 -0.05 -13.84
CA ALA B 80 -32.41 0.80 -12.71
C ALA B 80 -31.66 2.05 -13.17
N ILE B 81 -31.67 3.08 -12.32
CA ILE B 81 -31.09 4.37 -12.70
C ILE B 81 -30.40 4.95 -11.48
N LEU B 82 -29.14 5.35 -11.64
CA LEU B 82 -28.42 6.07 -10.59
C LEU B 82 -27.90 7.39 -11.10
N PRO B 83 -28.01 8.45 -10.29
CA PRO B 83 -27.48 9.76 -10.72
C PRO B 83 -25.99 9.70 -10.90
N GLU B 84 -25.33 8.78 -10.17
CA GLU B 84 -23.88 8.66 -10.19
C GLU B 84 -23.39 8.09 -11.51
N GLU B 85 -24.26 7.42 -12.27
CA GLU B 85 -23.88 6.90 -13.58
C GLU B 85 -23.38 8.01 -14.48
N GLN B 86 -23.77 9.25 -14.21
CA GLN B 86 -23.28 10.40 -14.97
C GLN B 86 -22.06 11.03 -14.31
N ASP B 87 -21.83 10.79 -13.02
CA ASP B 87 -20.64 11.29 -12.34
C ASP B 87 -19.42 10.49 -12.78
N GLN B 88 -18.39 11.18 -13.26
CA GLN B 88 -17.17 10.51 -13.71
C GLN B 88 -16.30 10.02 -12.56
N ASN B 89 -16.65 10.37 -11.31
CA ASN B 89 -15.94 9.81 -10.17
C ASN B 89 -16.34 8.38 -9.92
N TYR B 90 -17.46 7.94 -10.51
CA TYR B 90 -18.02 6.62 -10.26
C TYR B 90 -17.87 5.70 -11.46
N VAL B 91 -17.62 4.44 -11.16
CA VAL B 91 -17.62 3.37 -12.14
C VAL B 91 -18.83 2.49 -11.81
N CYS B 92 -19.63 2.19 -12.83
CA CYS B 92 -20.92 1.55 -12.64
C CYS B 92 -21.05 0.36 -13.57
N LYS B 93 -21.94 -0.57 -13.20
CA LYS B 93 -22.27 -1.66 -14.11
C LYS B 93 -23.68 -2.16 -13.80
N HIS B 94 -24.39 -2.55 -14.85
CA HIS B 94 -25.74 -3.08 -14.75
C HIS B 94 -25.70 -4.60 -14.81
N THR B 95 -26.68 -5.23 -14.16
CA THR B 95 -26.83 -6.67 -14.15
C THR B 95 -28.29 -6.99 -13.90
N TYR B 96 -28.60 -8.29 -13.79
CA TYR B 96 -29.96 -8.74 -13.54
C TYR B 96 -29.95 -9.80 -12.44
N VAL B 97 -30.94 -9.72 -11.55
CA VAL B 97 -31.03 -10.59 -10.38
C VAL B 97 -32.44 -11.17 -10.27
N ASP B 98 -32.52 -12.31 -9.62
CA ASP B 98 -33.79 -13.00 -9.42
C ASP B 98 -34.67 -12.23 -8.44
N ARG B 99 -35.88 -11.90 -8.87
CA ARG B 99 -36.82 -11.16 -8.05
C ARG B 99 -38.17 -11.87 -8.07
N GLY B 100 -38.93 -11.67 -7.01
CA GLY B 100 -40.25 -12.24 -6.89
C GLY B 100 -40.92 -11.71 -5.65
N TRP B 101 -41.93 -12.46 -5.19
CA TRP B 101 -42.61 -12.07 -3.96
C TRP B 101 -41.65 -12.06 -2.78
N GLY B 102 -40.77 -13.08 -2.73
CA GLY B 102 -39.88 -13.26 -1.58
C GLY B 102 -39.02 -12.06 -1.23
N ASN B 103 -38.66 -11.25 -2.23
CA ASN B 103 -37.84 -10.06 -1.99
C ASN B 103 -38.55 -8.77 -2.41
N GLY B 104 -39.88 -8.75 -2.39
CA GLY B 104 -40.61 -7.51 -2.57
C GLY B 104 -41.07 -7.13 -3.97
N CYS B 105 -41.28 -8.09 -4.87
CA CYS B 105 -41.81 -7.79 -6.20
C CYS B 105 -43.13 -8.53 -6.40
N GLY B 106 -44.09 -7.85 -7.02
CA GLY B 106 -45.35 -8.49 -7.31
C GLY B 106 -45.23 -9.56 -8.38
N LEU B 107 -44.28 -9.41 -9.29
CA LEU B 107 -44.08 -10.32 -10.41
C LEU B 107 -42.73 -11.03 -10.27
N PHE B 108 -42.68 -12.26 -10.76
CA PHE B 108 -41.47 -13.07 -10.72
C PHE B 108 -40.69 -12.89 -12.01
N GLY B 109 -39.40 -12.61 -11.87
CA GLY B 109 -38.53 -12.46 -13.02
C GLY B 109 -37.19 -11.88 -12.61
N LYS B 110 -36.39 -11.59 -13.64
CA LYS B 110 -35.06 -11.00 -13.46
C LYS B 110 -35.17 -9.48 -13.55
N GLY B 111 -34.86 -8.80 -12.45
CA GLY B 111 -34.94 -7.36 -12.39
C GLY B 111 -33.58 -6.71 -12.52
N SER B 112 -33.55 -5.53 -13.14
CA SER B 112 -32.30 -4.83 -13.36
C SER B 112 -31.74 -4.28 -12.06
N LEU B 113 -30.41 -4.21 -12.00
CA LEU B 113 -29.72 -3.68 -10.83
C LEU B 113 -28.45 -2.99 -11.32
N VAL B 114 -28.11 -1.89 -10.67
CA VAL B 114 -26.92 -1.12 -11.01
C VAL B 114 -26.15 -0.83 -9.73
N THR B 115 -24.83 -0.98 -9.79
CA THR B 115 -23.94 -0.72 -8.68
C THR B 115 -22.89 0.28 -9.13
N CYS B 116 -22.66 1.31 -8.32
CA CYS B 116 -21.65 2.31 -8.62
C CYS B 116 -20.73 2.48 -7.43
N ALA B 117 -19.44 2.62 -7.71
CA ALA B 117 -18.43 2.82 -6.69
C ALA B 117 -17.66 4.08 -7.04
N LYS B 118 -17.36 4.89 -6.02
CA LYS B 118 -16.61 6.10 -6.23
C LYS B 118 -15.14 5.76 -6.19
N PHE B 119 -14.41 6.15 -7.23
CA PHE B 119 -13.01 5.78 -7.39
C PHE B 119 -12.11 6.91 -6.91
N GLN B 120 -11.15 6.55 -6.07
CA GLN B 120 -10.12 7.49 -5.63
C GLN B 120 -8.76 6.81 -5.74
N CYS B 121 -7.81 7.50 -6.33
CA CYS B 121 -6.48 6.94 -6.53
C CYS B 121 -5.61 7.28 -5.33
N LEU B 122 -4.95 6.26 -4.78
CA LEU B 122 -4.07 6.39 -3.63
C LEU B 122 -2.63 6.56 -4.06
N GLU B 123 -2.20 5.79 -5.06
CA GLU B 123 -0.85 5.84 -5.56
C GLU B 123 -0.86 5.88 -7.07
N SER B 124 -0.07 6.79 -7.65
CA SER B 124 -0.04 7.01 -9.09
C SER B 124 1.40 7.17 -9.58
N ILE B 125 1.56 7.07 -10.90
CA ILE B 125 2.82 7.33 -11.58
C ILE B 125 2.53 8.38 -12.66
N GLU B 126 3.60 8.98 -13.17
CA GLU B 126 3.45 10.12 -14.07
C GLU B 126 4.10 9.84 -15.42
N GLY B 127 3.53 10.44 -16.46
CA GLY B 127 4.10 10.37 -17.79
C GLY B 127 4.40 11.75 -18.34
N LYS B 128 5.67 12.06 -18.49
CA LYS B 128 6.10 13.40 -18.88
C LYS B 128 6.61 13.36 -20.32
N VAL B 129 6.62 14.53 -20.95
CA VAL B 129 7.02 14.67 -22.34
C VAL B 129 8.35 15.40 -22.39
N VAL B 130 9.25 14.91 -23.24
CA VAL B 130 10.58 15.46 -23.41
C VAL B 130 10.70 16.02 -24.82
N GLN B 131 11.19 17.25 -24.91
CA GLN B 131 11.39 17.91 -26.19
C GLN B 131 12.89 18.12 -26.40
N HIS B 132 13.34 17.88 -27.63
CA HIS B 132 14.78 17.82 -27.89
C HIS B 132 15.49 19.13 -27.55
N GLU B 133 14.78 20.26 -27.63
CA GLU B 133 15.41 21.55 -27.38
C GLU B 133 15.69 21.81 -25.90
N ASN B 134 15.09 21.03 -25.00
CA ASN B 134 15.28 21.23 -23.56
C ASN B 134 16.37 20.34 -22.98
N LEU B 135 17.15 19.67 -23.82
CA LEU B 135 18.29 18.91 -23.34
C LEU B 135 19.39 19.86 -22.90
N LYS B 136 19.97 19.59 -21.74
CA LYS B 136 21.03 20.44 -21.19
C LYS B 136 22.15 19.56 -20.67
N TYR B 137 23.27 19.54 -21.38
CA TYR B 137 24.46 18.83 -20.95
C TYR B 137 25.28 19.74 -20.06
N THR B 138 25.86 19.16 -19.02
CA THR B 138 26.76 19.90 -18.13
C THR B 138 28.14 19.30 -18.25
N VAL B 139 29.12 20.13 -18.60
CA VAL B 139 30.50 19.71 -18.76
C VAL B 139 31.34 20.50 -17.77
N ILE B 140 32.35 19.85 -17.21
CA ILE B 140 33.25 20.45 -16.22
C ILE B 140 34.68 20.31 -16.72
N ILE B 141 35.42 21.41 -16.70
CA ILE B 141 36.80 21.46 -17.20
C ILE B 141 37.72 21.81 -16.04
N THR B 142 38.70 20.94 -15.78
CA THR B 142 39.64 21.18 -14.70
C THR B 142 41.07 20.95 -15.18
N VAL B 143 41.97 21.79 -14.70
CA VAL B 143 43.40 21.75 -15.00
C VAL B 143 44.13 20.95 -13.92
N HIS B 144 45.15 20.21 -14.33
CA HIS B 144 45.93 19.39 -13.42
C HIS B 144 46.82 20.25 -12.52
N THR B 145 46.49 20.29 -11.22
CA THR B 145 47.23 21.04 -10.20
C THR B 145 48.74 21.04 -10.42
N VAL B 158 35.39 25.06 -13.26
CA VAL B 158 34.87 25.80 -14.39
C VAL B 158 33.90 24.94 -15.19
N THR B 159 32.61 25.17 -14.99
CA THR B 159 31.56 24.38 -15.63
C THR B 159 30.92 25.19 -16.76
N ALA B 160 30.48 24.48 -17.80
CA ALA B 160 29.82 25.08 -18.94
C ALA B 160 28.62 24.22 -19.32
N GLU B 161 27.50 24.86 -19.60
CA GLU B 161 26.26 24.18 -19.97
C GLU B 161 26.03 24.30 -21.46
N ILE B 162 25.62 23.18 -22.07
CA ILE B 162 25.49 23.08 -23.53
C ILE B 162 24.06 22.67 -23.86
N THR B 163 23.47 23.36 -24.84
CA THR B 163 22.11 23.14 -25.32
C THR B 163 22.12 22.96 -26.83
N PRO B 164 21.24 22.10 -27.37
CA PRO B 164 21.08 22.03 -28.83
C PRO B 164 20.78 23.38 -29.46
N GLN B 165 20.27 24.33 -28.67
CA GLN B 165 20.11 25.69 -29.15
C GLN B 165 21.44 26.43 -29.18
N ALA B 166 22.19 26.38 -28.08
CA ALA B 166 23.51 27.00 -27.98
C ALA B 166 24.55 25.89 -27.97
N SER B 167 24.97 25.48 -29.16
CA SER B 167 25.85 24.32 -29.27
C SER B 167 27.28 24.67 -28.89
N THR B 168 27.78 25.81 -29.35
CA THR B 168 29.15 26.21 -29.09
C THR B 168 29.19 27.11 -27.86
N VAL B 169 30.09 26.81 -26.93
CA VAL B 169 30.19 27.54 -25.67
C VAL B 169 31.63 28.01 -25.50
N GLU B 170 31.79 29.29 -25.17
CA GLU B 170 33.09 29.87 -24.85
C GLU B 170 33.11 30.17 -23.36
N ALA B 171 33.96 29.48 -22.62
CA ALA B 171 34.12 29.66 -21.19
C ALA B 171 35.55 30.11 -20.90
N ILE B 172 35.71 30.90 -19.84
CA ILE B 172 37.02 31.39 -19.45
C ILE B 172 37.56 30.52 -18.31
N LEU B 173 38.78 30.04 -18.48
CA LEU B 173 39.49 29.35 -17.42
C LEU B 173 40.40 30.34 -16.73
N PRO B 174 40.23 30.60 -15.43
CA PRO B 174 40.99 31.64 -14.76
C PRO B 174 42.50 31.39 -14.83
N GLU B 175 43.24 32.43 -15.18
CA GLU B 175 44.71 32.48 -15.26
C GLU B 175 45.29 31.74 -16.46
N TYR B 176 44.48 31.13 -17.32
CA TYR B 176 44.99 30.35 -18.42
C TYR B 176 44.46 30.75 -19.79
N GLY B 177 43.45 31.62 -19.86
CA GLY B 177 42.87 32.07 -21.11
C GLY B 177 41.43 31.63 -21.25
N THR B 178 40.99 31.44 -22.50
CA THR B 178 39.62 31.04 -22.79
C THR B 178 39.62 29.82 -23.72
N LEU B 179 38.76 28.86 -23.40
CA LEU B 179 38.62 27.64 -24.18
C LEU B 179 37.33 27.68 -24.98
N GLY B 180 37.39 27.13 -26.18
CA GLY B 180 36.23 27.00 -27.05
C GLY B 180 35.76 25.57 -27.11
N LEU B 181 34.45 25.37 -27.01
CA LEU B 181 33.84 24.04 -27.03
C LEU B 181 32.78 24.02 -28.12
N GLU B 182 33.01 23.20 -29.14
CA GLU B 182 32.06 22.96 -30.23
C GLU B 182 31.57 21.52 -30.10
N CYS B 183 30.43 21.35 -29.45
CA CYS B 183 29.90 20.02 -29.19
C CYS B 183 28.73 19.71 -30.12
N SER B 184 28.55 18.42 -30.40
CA SER B 184 27.48 17.92 -31.25
C SER B 184 26.91 16.64 -30.65
N PRO B 185 25.66 16.67 -30.15
CA PRO B 185 25.02 15.51 -29.49
C PRO B 185 24.82 14.32 -30.42
N ASP B 190 14.68 11.95 -31.36
CA ASP B 190 13.36 11.33 -31.44
C ASP B 190 12.65 11.40 -30.09
N PHE B 191 12.90 12.47 -29.34
CA PHE B 191 12.31 12.59 -28.00
C PHE B 191 10.83 12.94 -28.06
N ASN B 192 10.36 13.53 -29.17
CA ASN B 192 8.94 13.79 -29.31
C ASN B 192 8.15 12.50 -29.50
N GLU B 193 8.82 11.43 -29.94
CA GLU B 193 8.21 10.13 -30.17
C GLU B 193 8.45 9.18 -29.00
N MET B 194 8.97 9.69 -27.89
CA MET B 194 9.17 8.93 -26.68
C MET B 194 8.55 9.68 -25.52
N ILE B 195 8.26 8.97 -24.44
CA ILE B 195 7.66 9.55 -23.26
C ILE B 195 8.42 9.04 -22.04
N LEU B 196 8.66 9.93 -21.08
CA LEU B 196 9.39 9.58 -19.88
C LEU B 196 8.40 9.16 -18.82
N LEU B 197 8.45 7.89 -18.43
CA LEU B 197 7.56 7.36 -17.41
C LEU B 197 8.23 7.51 -16.06
N THR B 198 7.59 8.25 -15.16
CA THR B 198 8.14 8.52 -13.84
C THR B 198 7.34 7.79 -12.77
N MET B 199 8.05 7.07 -11.91
CA MET B 199 7.46 6.41 -10.77
C MET B 199 8.08 7.07 -9.52
N LYS B 200 7.88 6.46 -8.35
CA LYS B 200 8.14 7.09 -7.07
C LYS B 200 9.43 7.92 -7.04
N ASN B 201 10.54 7.33 -7.48
CA ASN B 201 11.77 8.11 -7.67
C ASN B 201 12.57 7.70 -8.91
N LYS B 202 12.05 6.81 -9.73
CA LYS B 202 12.77 6.30 -10.90
C LYS B 202 12.15 6.85 -12.18
N ALA B 203 12.79 6.56 -13.30
CA ALA B 203 12.25 7.01 -14.58
C ALA B 203 12.80 6.14 -15.71
N TRP B 204 11.97 5.95 -16.74
CA TRP B 204 12.33 5.17 -17.92
C TRP B 204 11.88 5.90 -19.18
N MET B 205 12.59 5.63 -20.27
CA MET B 205 12.28 6.21 -21.57
C MET B 205 11.60 5.14 -22.42
N VAL B 206 10.32 5.35 -22.74
CA VAL B 206 9.55 4.36 -23.49
C VAL B 206 8.85 5.05 -24.65
N HIS B 207 8.39 4.24 -25.60
CA HIS B 207 7.75 4.75 -26.81
C HIS B 207 6.39 5.35 -26.49
N ARG B 208 5.97 6.30 -27.34
CA ARG B 208 4.75 7.06 -27.10
C ARG B 208 3.50 6.18 -27.13
N GLN B 209 3.37 5.35 -28.18
CA GLN B 209 2.17 4.54 -28.34
C GLN B 209 2.04 3.49 -27.23
N TRP B 210 3.17 2.90 -26.82
CA TRP B 210 3.12 1.89 -25.77
C TRP B 210 2.62 2.49 -24.46
N PHE B 211 3.13 3.67 -24.10
CA PHE B 211 2.63 4.36 -22.92
C PHE B 211 1.15 4.71 -23.09
N PHE B 212 0.75 5.08 -24.30
CA PHE B 212 -0.66 5.42 -24.53
C PHE B 212 -1.57 4.20 -24.38
N ASP B 213 -1.05 3.00 -24.64
CA ASP B 213 -1.82 1.78 -24.55
C ASP B 213 -1.62 1.03 -23.24
N LEU B 214 -1.17 1.72 -22.20
CA LEU B 214 -0.97 1.04 -20.93
C LEU B 214 -2.30 0.77 -20.25
N PRO B 215 -2.53 -0.45 -19.77
CA PRO B 215 -3.83 -0.80 -19.16
C PRO B 215 -3.94 -0.32 -17.71
N LEU B 216 -4.05 0.99 -17.55
CA LEU B 216 -4.24 1.60 -16.24
C LEU B 216 -5.12 2.82 -16.39
N PRO B 217 -5.95 3.14 -15.39
CA PRO B 217 -6.74 4.36 -15.45
C PRO B 217 -5.83 5.57 -15.43
N TRP B 218 -6.20 6.59 -16.16
CA TRP B 218 -5.35 7.74 -16.31
C TRP B 218 -6.18 9.01 -16.22
N THR B 219 -5.48 10.11 -15.98
CA THR B 219 -6.03 11.44 -15.97
C THR B 219 -4.92 12.36 -16.44
N SER B 220 -5.30 13.54 -16.91
CA SER B 220 -4.30 14.48 -17.38
C SER B 220 -3.99 15.46 -16.26
N GLY B 221 -2.69 15.58 -15.94
CA GLY B 221 -2.24 16.32 -14.80
C GLY B 221 -2.34 17.82 -14.94
N ALA B 222 -3.57 18.33 -14.91
CA ALA B 222 -3.82 19.76 -14.92
C ALA B 222 -3.55 20.43 -13.57
N THR B 223 -2.92 19.71 -12.63
CA THR B 223 -2.53 20.18 -11.30
C THR B 223 -3.73 20.50 -10.42
N THR B 224 -4.95 20.37 -10.92
CA THR B 224 -6.17 20.62 -10.16
C THR B 224 -6.55 19.37 -9.38
N GLU B 225 -6.90 19.54 -8.11
CA GLU B 225 -7.27 18.42 -7.27
C GLU B 225 -8.67 17.91 -7.64
N THR B 226 -9.04 16.77 -7.04
CA THR B 226 -10.26 16.04 -7.36
C THR B 226 -10.34 15.78 -8.85
N PRO B 227 -9.42 15.00 -9.41
CA PRO B 227 -9.40 14.82 -10.87
C PRO B 227 -10.53 13.93 -11.34
N THR B 228 -10.54 13.71 -12.65
CA THR B 228 -11.49 12.83 -13.31
C THR B 228 -10.65 11.75 -14.00
N TRP B 229 -10.83 10.52 -13.56
CA TRP B 229 -10.03 9.43 -14.07
C TRP B 229 -10.76 8.73 -15.20
N ASN B 230 -10.03 8.43 -16.27
CA ASN B 230 -10.54 7.71 -17.40
C ASN B 230 -10.03 6.28 -17.37
N ARG B 231 -10.74 5.39 -18.08
CA ARG B 231 -10.42 3.96 -18.14
C ARG B 231 -10.40 3.34 -16.74
N LYS B 232 -11.30 3.81 -15.86
CA LYS B 232 -11.35 3.30 -14.49
C LYS B 232 -11.69 1.82 -14.43
N GLU B 233 -12.34 1.29 -15.48
CA GLU B 233 -12.70 -0.11 -15.53
C GLU B 233 -11.50 -1.06 -15.56
N LEU B 234 -10.29 -0.53 -15.80
CA LEU B 234 -9.07 -1.31 -15.82
C LEU B 234 -8.54 -1.68 -14.43
N LEU B 235 -9.03 -1.04 -13.37
CA LEU B 235 -8.75 -1.35 -11.97
C LEU B 235 -9.97 -1.62 -11.12
N VAL B 236 -11.16 -1.30 -11.59
CA VAL B 236 -12.37 -1.64 -10.87
C VAL B 236 -13.27 -2.40 -11.84
N THR B 237 -13.60 -3.65 -11.49
CA THR B 237 -14.53 -4.42 -12.29
C THR B 237 -15.60 -4.98 -11.38
N PHE B 238 -16.54 -5.71 -11.98
CA PHE B 238 -17.68 -6.25 -11.27
C PHE B 238 -17.77 -7.74 -11.53
N LYS B 239 -18.25 -8.46 -10.53
CA LYS B 239 -18.53 -9.87 -10.71
C LYS B 239 -19.77 -10.19 -9.90
N ASN B 240 -20.80 -10.68 -10.59
CA ASN B 240 -22.09 -11.00 -10.01
C ASN B 240 -22.15 -12.50 -9.77
N ALA B 241 -22.57 -12.89 -8.57
CA ALA B 241 -22.53 -14.28 -8.14
C ALA B 241 -23.93 -14.86 -8.03
N HIS B 242 -24.10 -16.03 -8.67
CA HIS B 242 -25.32 -16.85 -8.67
C HIS B 242 -26.61 -16.04 -8.68
N ALA B 243 -26.68 -15.04 -9.58
CA ALA B 243 -27.92 -14.32 -9.91
C ALA B 243 -28.62 -13.75 -8.67
N LYS B 244 -27.85 -13.47 -7.63
CA LYS B 244 -28.41 -12.91 -6.40
C LYS B 244 -27.60 -11.78 -5.80
N LYS B 245 -26.50 -11.35 -6.43
CA LYS B 245 -25.75 -10.21 -5.93
C LYS B 245 -24.81 -9.73 -7.01
N GLN B 246 -24.28 -8.53 -6.80
CA GLN B 246 -23.21 -7.98 -7.62
C GLN B 246 -22.14 -7.46 -6.68
N GLU B 247 -20.91 -7.94 -6.83
CA GLU B 247 -19.82 -7.53 -5.97
C GLU B 247 -18.79 -6.73 -6.76
N VAL B 248 -18.26 -5.68 -6.13
CA VAL B 248 -17.31 -4.78 -6.77
C VAL B 248 -15.92 -5.12 -6.27
N VAL B 249 -14.96 -5.19 -7.19
CA VAL B 249 -13.61 -5.61 -6.86
C VAL B 249 -12.62 -4.59 -7.39
N VAL B 250 -11.51 -4.44 -6.68
CA VAL B 250 -10.38 -3.64 -7.11
C VAL B 250 -9.27 -4.59 -7.53
N LEU B 251 -8.55 -4.25 -8.60
CA LEU B 251 -7.55 -5.16 -9.13
C LEU B 251 -6.31 -5.24 -8.22
N GLY B 252 -6.04 -4.20 -7.45
CA GLY B 252 -4.89 -4.20 -6.57
C GLY B 252 -3.71 -3.45 -7.16
N SER B 253 -2.66 -3.33 -6.35
CA SER B 253 -1.50 -2.53 -6.72
C SER B 253 -0.77 -3.09 -7.94
N GLN B 254 -0.79 -2.35 -9.05
CA GLN B 254 -0.10 -2.72 -10.28
C GLN B 254 1.34 -2.22 -10.31
N GLU B 255 1.92 -1.87 -9.15
CA GLU B 255 3.28 -1.36 -9.11
C GLU B 255 4.28 -2.39 -9.62
N GLY B 256 4.25 -3.60 -9.07
CA GLY B 256 5.20 -4.62 -9.48
C GLY B 256 5.04 -4.99 -10.95
N ALA B 257 3.80 -4.99 -11.45
CA ALA B 257 3.58 -5.24 -12.86
C ALA B 257 4.26 -4.18 -13.71
N MET B 258 4.19 -2.92 -13.28
CA MET B 258 4.87 -1.84 -14.00
C MET B 258 6.38 -2.03 -13.98
N HIS B 259 6.95 -2.30 -12.80
CA HIS B 259 8.40 -2.51 -12.71
C HIS B 259 8.85 -3.66 -13.60
N THR B 260 8.07 -4.74 -13.62
CA THR B 260 8.40 -5.88 -14.47
C THR B 260 8.35 -5.50 -15.94
N ALA B 261 7.29 -4.81 -16.35
CA ALA B 261 7.17 -4.40 -17.74
C ALA B 261 8.23 -3.38 -18.15
N LEU B 262 8.83 -2.68 -17.19
CA LEU B 262 9.78 -1.63 -17.49
C LEU B 262 11.23 -2.04 -17.21
N THR B 263 11.48 -3.32 -16.90
CA THR B 263 12.85 -3.77 -16.72
C THR B 263 13.64 -3.74 -18.02
N GLY B 264 12.95 -3.91 -19.15
CA GLY B 264 13.60 -3.83 -20.44
C GLY B 264 13.60 -2.48 -21.11
N ALA B 265 13.15 -1.43 -20.42
CA ALA B 265 13.17 -0.09 -20.98
C ALA B 265 14.43 0.61 -20.50
N THR B 266 14.77 1.73 -21.15
CA THR B 266 16.00 2.41 -20.82
C THR B 266 15.79 3.26 -19.58
N GLU B 267 16.55 2.96 -18.54
CA GLU B 267 16.39 3.58 -17.23
C GLU B 267 17.25 4.83 -17.09
N ILE B 268 16.65 5.88 -16.55
CA ILE B 268 17.38 7.09 -16.21
C ILE B 268 17.15 7.36 -14.73
N GLN B 269 17.69 8.47 -14.23
CA GLN B 269 17.64 8.80 -12.81
C GLN B 269 16.71 9.99 -12.62
N ASN B 270 15.85 9.91 -11.62
CA ASN B 270 14.85 10.94 -11.38
C ASN B 270 15.09 11.66 -10.05
N GLY B 273 14.39 14.90 -9.81
CA GLY B 273 15.34 15.27 -10.85
C GLY B 273 14.99 14.67 -12.21
N THR B 274 15.76 15.05 -13.23
CA THR B 274 15.54 14.59 -14.61
C THR B 274 16.87 14.29 -15.28
N SER B 275 17.72 13.48 -14.63
CA SER B 275 19.09 13.26 -15.10
C SER B 275 19.13 12.03 -16.00
N ILE B 276 19.48 12.24 -17.26
CA ILE B 276 19.59 11.19 -18.26
C ILE B 276 21.06 10.82 -18.43
N PHE B 277 21.37 9.52 -18.40
CA PHE B 277 22.69 9.05 -18.78
C PHE B 277 22.64 8.15 -20.01
N ALA B 278 21.58 8.25 -20.81
CA ALA B 278 21.47 7.57 -22.08
C ALA B 278 21.96 8.42 -23.25
N GLY B 279 22.92 9.31 -22.99
CA GLY B 279 23.44 10.18 -24.02
C GLY B 279 24.91 10.55 -23.84
N HIS B 280 25.66 10.46 -24.93
CA HIS B 280 27.06 10.85 -24.99
C HIS B 280 27.19 12.14 -25.80
N LEU B 281 28.36 12.75 -25.73
CA LEU B 281 28.60 14.04 -26.37
C LEU B 281 30.00 14.10 -26.92
N LYS B 282 30.11 14.29 -28.24
CA LYS B 282 31.37 14.48 -28.92
C LYS B 282 31.63 15.97 -29.06
N CYS B 283 32.79 16.43 -28.59
CA CYS B 283 33.10 17.84 -28.55
C CYS B 283 34.43 18.10 -29.24
N ARG B 284 34.65 19.36 -29.60
CA ARG B 284 35.90 19.82 -30.17
C ARG B 284 36.39 20.99 -29.34
N LEU B 285 37.63 20.90 -28.87
CA LEU B 285 38.21 21.93 -28.00
C LEU B 285 39.12 22.83 -28.84
N LYS B 286 38.94 24.13 -28.70
CA LYS B 286 39.76 25.13 -29.39
C LYS B 286 40.70 25.76 -28.38
N MET B 287 41.98 25.42 -28.49
CA MET B 287 43.01 25.91 -27.57
C MET B 287 43.88 27.00 -28.22
N ASP B 288 43.37 27.65 -29.27
CA ASP B 288 44.14 28.67 -29.96
C ASP B 288 44.47 29.84 -29.03
N LYS B 289 43.47 30.30 -28.27
CA LYS B 289 43.64 31.41 -27.34
C LYS B 289 44.07 30.96 -25.95
N LEU B 290 44.40 29.67 -25.77
CA LEU B 290 44.85 29.18 -24.48
C LEU B 290 46.30 29.53 -24.25
N GLU B 291 46.58 30.07 -23.07
CA GLU B 291 47.91 30.51 -22.69
C GLU B 291 48.38 29.70 -21.49
N LEU B 292 49.64 29.28 -21.51
CA LEU B 292 50.18 28.44 -20.47
C LEU B 292 50.67 29.31 -19.33
N LYS B 293 50.25 28.98 -18.11
CA LYS B 293 50.50 29.82 -16.95
C LYS B 293 51.81 29.41 -16.28
N GLY B 294 52.55 30.40 -15.82
CA GLY B 294 53.78 30.16 -15.10
C GLY B 294 55.02 30.06 -15.96
N MET B 295 55.02 30.67 -17.15
CA MET B 295 56.23 30.67 -17.96
C MET B 295 57.24 31.71 -17.51
N SER B 296 56.78 32.76 -16.83
CA SER B 296 57.66 33.79 -16.31
C SER B 296 58.08 33.54 -14.88
N TYR B 297 57.61 32.44 -14.28
CA TYR B 297 58.00 32.12 -12.92
C TYR B 297 59.43 31.60 -12.88
N ALA B 298 60.08 31.79 -11.72
CA ALA B 298 61.41 31.25 -11.52
C ALA B 298 61.32 29.79 -11.07
N MET B 299 62.47 29.15 -10.95
CA MET B 299 62.53 27.77 -10.46
C MET B 299 62.60 27.79 -8.93
N CYS B 300 62.10 26.72 -8.32
CA CYS B 300 62.19 26.59 -6.87
C CYS B 300 63.55 26.04 -6.47
N LEU B 301 64.18 26.69 -5.50
CA LEU B 301 65.54 26.39 -5.10
C LEU B 301 65.62 25.60 -3.81
N ASN B 302 64.53 25.49 -3.07
CA ASN B 302 64.53 24.79 -1.79
C ASN B 302 64.16 23.33 -2.01
N THR B 303 63.90 22.60 -0.92
CA THR B 303 63.70 21.16 -0.96
C THR B 303 62.22 20.80 -0.95
N PHE B 304 61.90 19.69 -1.61
CA PHE B 304 60.57 19.09 -1.57
C PHE B 304 60.57 17.90 -0.63
N VAL B 305 59.42 17.66 0.01
CA VAL B 305 59.26 16.59 1.00
C VAL B 305 58.23 15.60 0.48
N LEU B 306 58.60 14.32 0.49
CA LEU B 306 57.72 13.25 0.05
C LEU B 306 56.56 13.11 1.03
N LYS B 307 55.36 13.47 0.58
CA LYS B 307 54.17 13.35 1.41
C LYS B 307 53.59 11.94 1.38
N LYS B 308 53.85 11.19 0.31
CA LYS B 308 53.22 9.88 0.13
C LYS B 308 54.07 9.04 -0.81
N GLU B 309 53.94 7.72 -0.69
CA GLU B 309 54.62 6.81 -1.59
C GLU B 309 54.03 6.90 -2.99
N VAL B 310 54.89 6.92 -4.00
CA VAL B 310 54.42 7.01 -5.38
C VAL B 310 53.68 5.74 -5.78
N SER B 311 52.61 5.90 -6.56
CA SER B 311 51.74 4.81 -6.98
C SER B 311 51.43 4.94 -8.47
N GLU B 312 51.14 3.80 -9.10
CA GLU B 312 50.81 3.75 -10.51
C GLU B 312 49.29 3.76 -10.70
N THR B 313 48.81 4.59 -11.61
CA THR B 313 47.38 4.82 -11.84
C THR B 313 46.76 3.98 -12.95
N GLN B 314 46.94 2.66 -12.95
CA GLN B 314 46.26 1.77 -13.90
C GLN B 314 46.56 2.03 -15.37
N HIS B 315 47.35 3.06 -15.68
CA HIS B 315 47.65 3.41 -17.07
C HIS B 315 49.13 3.60 -17.29
N GLY B 316 49.96 3.11 -16.38
CA GLY B 316 51.39 3.29 -16.44
C GLY B 316 51.88 4.55 -15.79
N THR B 317 51.05 5.59 -15.75
CA THR B 317 51.46 6.86 -15.14
C THR B 317 51.59 6.70 -13.63
N ILE B 318 52.46 7.52 -13.05
CA ILE B 318 52.77 7.45 -11.63
C ILE B 318 52.40 8.78 -10.98
N LEU B 319 51.94 8.69 -9.74
CA LEU B 319 51.58 9.87 -8.95
C LEU B 319 52.61 10.08 -7.86
N ILE B 320 53.12 11.30 -7.76
CA ILE B 320 54.12 11.68 -6.78
C ILE B 320 53.55 12.83 -5.97
N LYS B 321 53.40 12.62 -4.67
CA LYS B 321 52.83 13.61 -3.76
C LYS B 321 53.96 14.27 -2.99
N VAL B 322 54.16 15.57 -3.22
CA VAL B 322 55.24 16.33 -2.60
C VAL B 322 54.66 17.58 -1.94
N GLU B 323 55.37 18.07 -0.93
CA GLU B 323 55.05 19.33 -0.27
C GLU B 323 56.29 20.21 -0.24
N TYR B 324 56.08 21.52 -0.38
CA TYR B 324 57.20 22.45 -0.40
C TYR B 324 57.50 22.95 1.01
N ASP B 328 59.37 29.80 -0.68
CA ASP B 328 60.10 30.45 -1.76
C ASP B 328 59.14 31.41 -2.47
N ALA B 329 58.78 31.08 -3.71
CA ALA B 329 57.80 31.86 -4.45
C ALA B 329 56.96 30.92 -5.28
N PRO B 330 55.87 31.43 -5.92
CA PRO B 330 55.27 30.70 -7.03
C PRO B 330 56.31 30.37 -8.09
N CYS B 331 56.55 29.08 -8.32
CA CYS B 331 57.72 28.64 -9.06
C CYS B 331 57.38 27.44 -9.93
N LYS B 332 58.28 27.15 -10.88
CA LYS B 332 58.25 25.87 -11.57
C LYS B 332 58.92 24.81 -10.70
N ILE B 333 58.34 23.61 -10.71
CA ILE B 333 58.89 22.48 -9.94
C ILE B 333 59.94 21.80 -10.80
N PRO B 334 61.21 21.77 -10.36
CA PRO B 334 62.26 21.06 -11.11
C PRO B 334 62.00 19.56 -11.15
N PHE B 335 61.91 19.01 -12.36
CA PHE B 335 61.61 17.59 -12.57
C PHE B 335 62.58 17.03 -13.60
N SER B 336 63.36 16.04 -13.21
CA SER B 336 64.37 15.48 -14.09
C SER B 336 64.51 13.97 -13.86
N THR B 337 64.97 13.28 -14.90
CA THR B 337 65.17 11.83 -14.85
C THR B 337 66.61 11.53 -15.27
N GLU B 338 67.36 10.88 -14.37
CA GLU B 338 68.77 10.58 -14.59
C GLU B 338 69.04 9.12 -14.31
N ASP B 339 69.80 8.49 -15.21
CA ASP B 339 70.23 7.10 -15.05
C ASP B 339 71.57 7.07 -14.31
N GLY B 340 72.28 5.94 -14.37
CA GLY B 340 73.58 5.78 -13.73
C GLY B 340 74.49 7.00 -13.80
N GLN B 341 74.57 7.63 -14.97
CA GLN B 341 75.16 8.96 -15.08
C GLN B 341 74.69 9.59 -16.39
N GLY B 342 73.92 10.66 -16.29
CA GLY B 342 73.40 11.38 -17.44
C GLY B 342 71.92 11.69 -17.32
N LYS B 343 71.56 12.97 -17.39
CA LYS B 343 70.21 13.42 -17.11
C LYS B 343 69.33 13.34 -18.35
N ALA B 344 68.04 13.63 -18.15
CA ALA B 344 67.05 13.69 -19.23
C ALA B 344 65.84 14.44 -18.71
N HIS B 345 64.94 14.78 -19.63
CA HIS B 345 63.74 15.53 -19.29
C HIS B 345 62.62 14.57 -18.85
N ARG B 348 58.87 12.82 -18.97
CA ARG B 348 57.63 13.27 -19.60
C ARG B 348 56.52 13.37 -18.56
N LEU B 349 55.93 14.56 -18.44
CA LEU B 349 54.94 14.86 -17.43
C LEU B 349 53.53 14.85 -18.02
N ILE B 350 52.60 14.25 -17.28
CA ILE B 350 51.19 14.37 -17.62
C ILE B 350 50.64 15.68 -17.09
N THR B 351 50.98 16.02 -15.85
CA THR B 351 50.64 17.34 -15.32
C THR B 351 51.61 18.35 -15.91
N ALA B 352 51.09 19.29 -16.69
CA ALA B 352 51.93 20.21 -17.42
C ALA B 352 52.37 21.36 -16.52
N ASN B 353 53.68 21.64 -16.53
CA ASN B 353 54.27 22.76 -15.81
C ASN B 353 53.85 22.75 -14.35
N PRO B 354 54.35 21.82 -13.55
CA PRO B 354 53.98 21.80 -12.13
C PRO B 354 54.47 23.05 -11.41
N VAL B 355 53.60 23.60 -10.56
CA VAL B 355 53.87 24.85 -9.87
C VAL B 355 53.45 24.72 -8.42
N VAL B 356 54.31 25.15 -7.50
CA VAL B 356 53.98 25.27 -6.09
C VAL B 356 53.47 26.69 -5.84
N THR B 357 52.22 26.81 -5.41
CA THR B 357 51.62 28.12 -5.13
C THR B 357 51.83 28.55 -3.68
N LYS B 358 51.80 27.61 -2.74
CA LYS B 358 52.05 27.92 -1.34
C LYS B 358 52.92 26.83 -0.73
N LYS B 359 53.72 27.22 0.27
CA LYS B 359 54.54 26.24 0.99
C LYS B 359 53.69 25.26 1.77
N GLU B 360 52.52 25.70 2.25
CA GLU B 360 51.71 24.87 3.15
C GLU B 360 50.92 23.78 2.43
N GLU B 361 50.59 24.00 1.16
CA GLU B 361 49.75 23.08 0.40
C GLU B 361 50.58 22.12 -0.43
N PRO B 362 50.38 20.82 -0.29
CA PRO B 362 51.14 19.86 -1.10
C PRO B 362 50.73 19.92 -2.56
N VAL B 363 51.54 19.31 -3.41
CA VAL B 363 51.27 19.24 -4.84
C VAL B 363 51.41 17.79 -5.28
N ASN B 364 50.49 17.35 -6.12
CA ASN B 364 50.55 16.02 -6.71
C ASN B 364 51.02 16.13 -8.16
N ILE B 365 52.00 15.32 -8.52
CA ILE B 365 52.59 15.33 -9.85
C ILE B 365 52.32 13.98 -10.50
N GLU B 366 51.76 14.00 -11.69
CA GLU B 366 51.53 12.81 -12.48
C GLU B 366 52.53 12.80 -13.62
N ALA B 367 53.24 11.70 -13.77
CA ALA B 367 54.30 11.60 -14.75
C ALA B 367 54.15 10.33 -15.57
N GLU B 368 54.76 10.37 -16.76
CA GLU B 368 54.89 9.21 -17.61
C GLU B 368 56.14 8.46 -17.16
N PRO B 369 56.03 7.20 -16.76
CA PRO B 369 57.12 6.57 -16.02
C PRO B 369 58.36 6.42 -16.89
N PRO B 370 59.55 6.56 -16.31
CA PRO B 370 60.76 6.29 -17.06
C PRO B 370 60.96 4.79 -17.24
N PHE B 371 61.38 4.40 -18.44
CA PHE B 371 61.66 3.00 -18.71
C PHE B 371 63.13 2.70 -18.37
N GLY B 372 63.33 1.66 -17.57
CA GLY B 372 64.63 1.36 -17.00
C GLY B 372 64.77 2.02 -15.65
N GLU B 373 65.32 1.31 -14.67
CA GLU B 373 65.46 1.89 -13.34
C GLU B 373 66.39 3.09 -13.41
N SER B 374 65.98 4.19 -12.79
CA SER B 374 66.71 5.45 -12.89
C SER B 374 66.34 6.32 -11.69
N ASN B 375 66.96 7.48 -11.61
CA ASN B 375 66.75 8.43 -10.53
C ASN B 375 65.77 9.49 -11.00
N ILE B 376 64.65 9.63 -10.31
CA ILE B 376 63.69 10.71 -10.55
C ILE B 376 63.97 11.80 -9.55
N VAL B 377 64.35 12.97 -10.04
CA VAL B 377 64.76 14.09 -9.18
C VAL B 377 63.67 15.14 -9.22
N ILE B 378 63.18 15.52 -8.03
CA ILE B 378 62.21 16.59 -7.86
C ILE B 378 62.85 17.65 -6.98
N GLY B 379 63.08 18.83 -7.54
CA GLY B 379 63.82 19.87 -6.86
C GLY B 379 65.25 19.97 -7.37
N ILE B 380 66.02 20.81 -6.69
CA ILE B 380 67.43 20.99 -7.04
C ILE B 380 68.32 20.76 -5.83
N ALA B 384 66.42 18.77 -3.32
CA ALA B 384 66.08 17.71 -4.27
C ALA B 384 65.84 16.38 -3.55
N LEU B 385 65.02 15.53 -4.16
CA LEU B 385 64.70 14.20 -3.63
C LEU B 385 64.86 13.16 -4.72
N LYS B 386 65.39 11.99 -4.34
CA LYS B 386 65.64 10.89 -5.26
C LYS B 386 64.66 9.75 -5.00
N ILE B 387 63.98 9.33 -6.08
CA ILE B 387 62.95 8.28 -6.02
C ILE B 387 63.04 7.42 -7.27
N ASN B 388 63.01 6.09 -7.10
CA ASN B 388 62.90 5.16 -8.22
C ASN B 388 61.61 4.37 -8.10
N TRP B 389 60.73 4.52 -9.08
CA TRP B 389 59.50 3.71 -9.17
C TRP B 389 58.62 4.18 -10.33
N VAL C 4 32.89 30.18 4.65
CA VAL C 4 32.21 28.96 5.06
C VAL C 4 31.94 28.98 6.57
N GLN C 5 30.70 28.73 6.96
CA GLN C 5 30.32 28.77 8.36
C GLN C 5 29.17 27.80 8.60
N LEU C 6 29.17 27.19 9.78
CA LEU C 6 28.11 26.28 10.20
C LEU C 6 27.48 26.83 11.47
N VAL C 7 26.17 27.05 11.43
CA VAL C 7 25.42 27.61 12.55
C VAL C 7 24.45 26.56 13.06
N GLU C 8 24.48 26.33 14.38
CA GLU C 8 23.64 25.33 15.03
C GLU C 8 22.59 26.01 15.88
N SER C 9 21.48 25.30 16.11
CA SER C 9 20.41 25.87 16.91
C SER C 9 20.88 26.05 18.36
N GLY C 10 20.03 26.70 19.14
CA GLY C 10 20.37 26.97 20.53
C GLY C 10 20.23 25.74 21.40
N ALA C 11 20.69 25.89 22.64
CA ALA C 11 20.63 24.81 23.61
C ALA C 11 19.19 24.54 24.03
N GLU C 12 18.89 23.26 24.24
CA GLU C 12 17.56 22.83 24.65
C GLU C 12 17.65 21.92 25.87
N VAL C 13 16.58 21.93 26.66
CA VAL C 13 16.45 21.06 27.84
C VAL C 13 15.17 20.27 27.69
N LYS C 14 15.26 18.95 27.74
CA LYS C 14 14.11 18.08 27.60
C LYS C 14 14.13 17.02 28.69
N LYS C 15 12.97 16.37 28.87
CA LYS C 15 12.79 15.30 29.84
C LYS C 15 12.99 13.93 29.18
N PRO C 16 13.37 12.92 29.96
CA PRO C 16 13.57 11.58 29.40
C PRO C 16 12.31 11.07 28.71
N GLY C 17 12.51 10.42 27.56
CA GLY C 17 11.43 9.92 26.74
C GLY C 17 10.95 10.87 25.67
N ALA C 18 11.30 12.16 25.76
CA ALA C 18 10.88 13.14 24.77
C ALA C 18 11.77 13.03 23.53
N SER C 19 11.68 14.02 22.64
CA SER C 19 12.52 14.06 21.46
C SER C 19 13.03 15.48 21.27
N VAL C 20 14.17 15.59 20.60
CA VAL C 20 14.81 16.88 20.32
C VAL C 20 15.14 16.94 18.85
N LYS C 21 15.00 18.12 18.25
CA LYS C 21 15.28 18.34 16.84
C LYS C 21 16.19 19.57 16.73
N VAL C 22 17.48 19.36 16.45
CA VAL C 22 18.42 20.47 16.31
C VAL C 22 18.72 20.70 14.84
N SER C 23 18.96 21.96 14.51
CA SER C 23 19.17 22.40 13.14
C SER C 23 20.62 22.82 12.93
N CYS C 24 21.03 22.83 11.66
CA CYS C 24 22.40 23.16 11.28
C CYS C 24 22.33 23.91 9.95
N LYS C 25 22.42 25.23 10.02
CA LYS C 25 22.29 26.08 8.84
C LYS C 25 23.66 26.36 8.24
N ALA C 26 23.77 26.16 6.93
CA ALA C 26 25.03 26.30 6.22
C ALA C 26 25.10 27.65 5.52
N SER C 27 26.29 28.26 5.54
CA SER C 27 26.54 29.53 4.87
C SER C 27 27.95 29.55 4.32
N GLY C 28 28.13 30.22 3.20
CA GLY C 28 29.42 30.33 2.56
C GLY C 28 29.74 29.29 1.52
N TYR C 29 28.86 28.31 1.30
CA TYR C 29 29.13 27.28 0.30
C TYR C 29 27.81 26.66 -0.15
N THR C 30 27.87 25.98 -1.29
CA THR C 30 26.70 25.33 -1.86
C THR C 30 26.24 24.20 -0.96
N PHE C 31 25.05 24.35 -0.38
CA PHE C 31 24.56 23.38 0.59
C PHE C 31 24.28 22.01 -0.05
N THR C 32 23.78 22.00 -1.29
CA THR C 32 23.40 20.76 -1.93
C THR C 32 24.59 19.96 -2.45
N SER C 33 25.79 20.53 -2.46
CA SER C 33 26.97 19.84 -2.95
C SER C 33 27.78 19.23 -1.81
N TYR C 34 27.23 19.15 -0.61
CA TYR C 34 27.96 18.65 0.54
C TYR C 34 27.07 17.73 1.36
N ALA C 35 27.66 16.65 1.86
CA ALA C 35 26.97 15.79 2.82
C ALA C 35 27.16 16.36 4.22
N MET C 36 26.12 16.23 5.04
CA MET C 36 26.13 16.76 6.40
C MET C 36 26.16 15.61 7.38
N HIS C 37 27.19 15.57 8.22
CA HIS C 37 27.36 14.54 9.22
C HIS C 37 26.97 15.07 10.60
N TRP C 38 26.61 14.16 11.49
CA TRP C 38 26.25 14.50 12.86
C TRP C 38 27.11 13.70 13.82
N VAL C 39 27.73 14.42 14.76
CA VAL C 39 28.61 13.84 15.75
C VAL C 39 28.21 14.42 17.11
N ARG C 40 28.10 13.56 18.11
CA ARG C 40 27.81 14.00 19.47
C ARG C 40 29.00 13.69 20.37
N GLN C 41 29.06 14.39 21.50
CA GLN C 41 30.16 14.24 22.44
C GLN C 41 29.62 14.34 23.87
N ALA C 42 29.63 13.22 24.58
CA ALA C 42 29.19 13.24 25.97
C ALA C 42 30.20 13.99 26.84
N PRO C 43 29.74 14.57 27.95
CA PRO C 43 30.64 15.37 28.79
C PRO C 43 31.83 14.55 29.29
N GLY C 44 33.03 15.03 28.97
CA GLY C 44 34.24 14.32 29.33
C GLY C 44 34.51 13.08 28.51
N GLN C 45 33.75 12.85 27.45
CA GLN C 45 33.91 11.66 26.62
C GLN C 45 34.36 12.05 25.21
N ARG C 46 34.56 11.04 24.38
CA ARG C 46 35.10 11.23 23.05
C ARG C 46 33.99 11.65 22.07
N LEU C 47 34.41 11.95 20.84
CA LEU C 47 33.44 12.19 19.78
C LEU C 47 32.88 10.89 19.28
N GLU C 48 31.59 10.90 18.94
CA GLU C 48 30.88 9.70 18.53
C GLU C 48 30.03 10.06 17.32
N TRP C 49 30.19 9.29 16.25
CA TRP C 49 29.56 9.54 14.96
C TRP C 49 28.15 8.93 14.91
N MET C 50 27.16 9.76 14.55
CA MET C 50 25.77 9.31 14.52
C MET C 50 25.27 8.93 13.14
N GLY C 51 25.58 9.73 12.12
CA GLY C 51 25.18 9.42 10.76
C GLY C 51 25.41 10.61 9.86
N TRP C 52 24.99 10.45 8.60
CA TRP C 52 25.11 11.55 7.65
C TRP C 52 23.94 11.54 6.70
N ILE C 53 23.73 12.68 6.05
CA ILE C 53 22.70 12.86 5.03
C ILE C 53 23.37 13.47 3.80
N ASN C 54 23.00 12.97 2.62
CA ASN C 54 23.40 13.57 1.37
C ASN C 54 22.38 14.64 1.03
N ALA C 55 22.77 15.92 1.18
CA ALA C 55 21.83 17.02 1.00
C ALA C 55 21.38 17.17 -0.44
N GLY C 56 22.05 16.53 -1.40
CA GLY C 56 21.65 16.65 -2.78
C GLY C 56 20.46 15.76 -3.14
N ASN C 57 20.38 14.58 -2.53
CA ASN C 57 19.29 13.65 -2.84
C ASN C 57 18.61 13.08 -1.61
N GLY C 58 19.02 13.46 -0.40
CA GLY C 58 18.37 12.98 0.78
C GLY C 58 18.83 11.61 1.25
N ASN C 59 19.75 10.97 0.54
CA ASN C 59 20.24 9.67 0.99
C ASN C 59 20.93 9.82 2.33
N THR C 60 20.68 8.88 3.23
CA THR C 60 21.24 8.89 4.57
C THR C 60 21.85 7.54 4.87
N LYS C 61 22.58 7.48 5.99
CA LYS C 61 23.18 6.25 6.52
C LYS C 61 23.52 6.52 7.98
N TYR C 62 23.03 5.69 8.89
CA TYR C 62 23.23 5.92 10.33
C TYR C 62 24.13 4.89 10.98
N SER C 63 24.62 5.28 12.15
CA SER C 63 25.38 4.42 13.02
C SER C 63 24.42 3.43 13.65
N GLN C 64 24.86 2.16 13.76
CA GLN C 64 24.01 1.13 14.33
C GLN C 64 23.61 1.44 15.76
N LYS C 65 24.35 2.31 16.44
CA LYS C 65 23.99 2.71 17.80
C LYS C 65 22.78 3.65 17.81
N PHE C 66 22.58 4.41 16.73
CA PHE C 66 21.52 5.41 16.65
C PHE C 66 20.52 5.16 15.54
N GLN C 67 20.60 4.02 14.85
CA GLN C 67 19.82 3.81 13.64
C GLN C 67 18.30 3.82 13.87
N ASP C 68 17.83 3.49 15.07
CA ASP C 68 16.39 3.46 15.28
C ASP C 68 15.84 4.79 15.79
N ARG C 69 16.58 5.48 16.66
CA ARG C 69 16.07 6.68 17.31
C ARG C 69 16.43 7.98 16.58
N VAL C 70 17.35 7.93 15.62
CA VAL C 70 17.84 9.13 14.96
C VAL C 70 17.20 9.27 13.59
N THR C 71 16.80 10.49 13.26
CA THR C 71 16.28 10.83 11.94
C THR C 71 16.96 12.11 11.49
N ILE C 72 17.63 12.07 10.34
CA ILE C 72 18.33 13.22 9.78
C ILE C 72 17.62 13.63 8.49
N THR C 73 17.25 14.91 8.41
CA THR C 73 16.48 15.44 7.29
C THR C 73 17.14 16.72 6.79
N ARG C 74 16.50 17.36 5.80
CA ARG C 74 17.06 18.56 5.19
C ARG C 74 15.94 19.40 4.59
N ASP C 75 16.18 20.71 4.55
CA ASP C 75 15.34 21.65 3.82
C ASP C 75 16.24 22.38 2.83
N THR C 76 16.10 22.05 1.54
CA THR C 76 16.99 22.65 0.54
C THR C 76 16.74 24.14 0.41
N SER C 77 15.47 24.56 0.45
CA SER C 77 15.16 25.99 0.39
C SER C 77 15.76 26.74 1.56
N ALA C 78 15.83 26.11 2.73
CA ALA C 78 16.45 26.73 3.90
C ALA C 78 17.93 26.42 4.03
N SER C 79 18.47 25.54 3.18
CA SER C 79 19.88 25.14 3.24
C SER C 79 20.30 24.72 4.65
N THR C 80 19.44 23.96 5.32
CA THR C 80 19.62 23.62 6.71
C THR C 80 19.39 22.12 6.90
N ALA C 81 20.32 21.46 7.59
CA ALA C 81 20.17 20.06 7.95
C ALA C 81 19.59 19.95 9.35
N TYR C 82 18.88 18.84 9.59
CA TYR C 82 18.18 18.61 10.84
C TYR C 82 18.56 17.25 11.39
N MET C 83 18.72 17.17 12.71
CA MET C 83 18.94 15.92 13.42
C MET C 83 17.89 15.82 14.51
N GLU C 84 17.09 14.76 14.48
CA GLU C 84 16.05 14.56 15.48
C GLU C 84 16.29 13.24 16.20
N LEU C 85 16.45 13.32 17.52
CA LEU C 85 16.69 12.16 18.36
C LEU C 85 15.49 11.97 19.29
N SER C 86 14.78 10.86 19.10
CA SER C 86 13.58 10.54 19.86
C SER C 86 13.88 9.45 20.87
N SER C 87 12.94 9.24 21.79
CA SER C 87 13.11 8.30 22.89
C SER C 87 14.38 8.61 23.68
N LEU C 88 14.47 9.84 24.15
CA LEU C 88 15.67 10.33 24.79
C LEU C 88 15.91 9.64 26.13
N ARG C 89 17.19 9.45 26.44
CA ARG C 89 17.65 8.89 27.70
C ARG C 89 18.63 9.87 28.34
N SER C 90 18.95 9.61 29.61
CA SER C 90 19.87 10.47 30.33
C SER C 90 21.27 10.42 29.72
N GLU C 91 21.61 9.32 29.04
CA GLU C 91 22.91 9.23 28.39
C GLU C 91 23.02 10.20 27.20
N ASP C 92 21.89 10.58 26.60
CA ASP C 92 21.92 11.44 25.44
C ASP C 92 22.30 12.87 25.75
N THR C 93 22.51 13.21 27.02
CA THR C 93 23.01 14.52 27.39
C THR C 93 24.41 14.71 26.83
N ALA C 94 24.57 15.57 25.84
CA ALA C 94 25.84 15.73 25.15
C ALA C 94 25.77 16.99 24.28
N ILE C 95 26.92 17.34 23.71
CA ILE C 95 27.01 18.40 22.72
C ILE C 95 26.90 17.76 21.35
N TYR C 96 26.04 18.32 20.50
CA TYR C 96 25.78 17.78 19.17
C TYR C 96 26.36 18.72 18.13
N TYR C 97 27.31 18.21 17.36
CA TYR C 97 27.93 18.96 16.28
C TYR C 97 27.44 18.44 14.94
N CYS C 98 27.48 19.32 13.94
CA CYS C 98 27.37 18.93 12.55
C CYS C 98 28.71 19.22 11.87
N ALA C 99 29.02 18.43 10.84
CA ALA C 99 30.27 18.57 10.13
C ALA C 99 30.04 18.24 8.66
N ARG C 100 30.68 18.99 7.78
CA ARG C 100 30.43 18.86 6.35
C ARG C 100 31.45 17.96 5.69
N ASP C 101 31.08 17.45 4.51
CA ASP C 101 31.98 16.75 3.63
C ASP C 101 31.41 16.84 2.22
N LYS C 102 32.32 16.91 1.24
CA LYS C 102 31.91 17.16 -0.13
C LYS C 102 31.45 15.88 -0.81
N VAL C 103 30.52 16.04 -1.74
CA VAL C 103 30.05 14.96 -2.57
C VAL C 103 30.82 14.99 -3.89
N ASP C 104 30.71 13.92 -4.67
CA ASP C 104 31.38 13.89 -5.95
C ASP C 104 30.65 14.80 -6.94
N ASP C 105 31.12 14.79 -8.19
CA ASP C 105 30.51 15.68 -9.18
C ASP C 105 29.14 15.19 -9.64
N TYR C 106 28.84 13.91 -9.46
CA TYR C 106 27.54 13.37 -9.81
C TYR C 106 26.53 13.46 -8.67
N GLY C 107 26.86 14.18 -7.59
CA GLY C 107 25.97 14.32 -6.46
C GLY C 107 25.89 13.11 -5.55
N ASP C 108 26.59 12.03 -5.88
CA ASP C 108 26.58 10.82 -5.09
C ASP C 108 27.61 10.90 -3.96
N TYR C 109 27.37 10.13 -2.90
CA TYR C 109 28.28 10.07 -1.75
C TYR C 109 28.53 8.60 -1.39
N TRP C 110 29.48 7.98 -2.07
CA TRP C 110 29.88 6.61 -1.75
C TRP C 110 31.18 6.55 -0.96
N PHE C 111 32.15 7.38 -1.32
CA PHE C 111 33.40 7.47 -0.59
C PHE C 111 33.61 8.92 -0.18
N PRO C 112 34.01 9.17 1.05
CA PRO C 112 34.19 10.56 1.50
C PRO C 112 35.44 11.16 0.88
N THR C 113 35.62 12.46 1.11
CA THR C 113 36.88 13.05 0.71
C THR C 113 37.91 12.85 1.82
N LEU C 114 39.18 13.10 1.48
CA LEU C 114 40.22 12.91 2.48
C LEU C 114 40.21 14.03 3.51
N TRP C 115 39.63 15.18 3.17
CA TRP C 115 39.51 16.31 4.09
C TRP C 115 38.10 16.41 4.65
N TYR C 116 37.53 15.25 5.00
CA TYR C 116 36.20 15.21 5.59
C TYR C 116 36.24 15.83 6.98
N PHE C 117 35.09 16.31 7.43
CA PHE C 117 34.94 16.98 8.72
C PHE C 117 35.88 18.18 8.82
N ASP C 118 36.06 18.90 7.71
CA ASP C 118 36.96 20.05 7.70
C ASP C 118 36.33 21.30 8.30
N TYR C 119 35.00 21.40 8.34
CA TYR C 119 34.32 22.49 9.01
C TYR C 119 33.28 21.92 9.97
N TRP C 120 33.25 22.46 11.18
CA TRP C 120 32.38 21.99 12.25
C TRP C 120 31.53 23.14 12.77
N GLY C 121 30.30 22.81 13.15
CA GLY C 121 29.45 23.79 13.80
C GLY C 121 29.85 24.02 15.24
N GLN C 122 29.37 25.13 15.80
CA GLN C 122 29.74 25.48 17.17
C GLN C 122 29.26 24.44 18.17
N GLY C 123 28.19 23.72 17.86
CA GLY C 123 27.72 22.68 18.75
C GLY C 123 26.49 23.05 19.56
N THR C 124 25.55 22.12 19.69
CA THR C 124 24.32 22.34 20.44
C THR C 124 24.32 21.45 21.67
N LEU C 125 24.16 22.06 22.84
CA LEU C 125 24.10 21.30 24.09
C LEU C 125 22.66 20.85 24.34
N VAL C 126 22.50 19.56 24.57
CA VAL C 126 21.20 18.96 24.84
C VAL C 126 21.30 18.23 26.18
N THR C 127 20.51 18.66 27.15
CA THR C 127 20.52 18.07 28.48
C THR C 127 19.17 17.39 28.71
N VAL C 128 19.22 16.11 29.09
CA VAL C 128 18.01 15.36 29.35
C VAL C 128 17.85 15.09 30.85
N SER D 8 35.70 2.39 22.01
CA SER D 8 36.30 3.02 20.83
C SER D 8 37.07 2.00 19.99
N ALA D 9 37.02 2.17 18.67
CA ALA D 9 37.80 1.32 17.78
C ALA D 9 39.24 1.78 17.65
N LEU D 10 39.51 3.06 17.88
CA LEU D 10 40.86 3.60 17.85
C LEU D 10 41.35 3.88 19.27
N THR D 11 42.60 3.52 19.54
CA THR D 11 43.18 3.60 20.88
C THR D 11 44.22 4.73 20.91
N GLN D 12 44.01 5.68 21.82
CA GLN D 12 44.93 6.79 22.03
C GLN D 12 45.41 6.81 23.48
N PRO D 13 46.57 7.42 23.74
CA PRO D 13 47.00 7.60 25.13
C PRO D 13 46.06 8.52 25.89
N ALA D 14 45.89 8.23 27.18
CA ALA D 14 44.94 8.99 27.98
C ALA D 14 45.40 10.43 28.17
N SER D 15 46.67 10.64 28.52
CA SER D 15 47.19 11.96 28.80
C SER D 15 48.61 12.07 28.27
N VAL D 16 48.96 13.24 27.75
CA VAL D 16 50.28 13.51 27.20
C VAL D 16 50.74 14.87 27.69
N SER D 17 51.99 14.95 28.14
CA SER D 17 52.54 16.19 28.68
C SER D 17 53.98 16.36 28.19
N GLY D 18 54.43 17.61 28.17
CA GLY D 18 55.78 17.92 27.76
C GLY D 18 56.11 19.36 28.05
N SER D 19 57.42 19.63 28.13
CA SER D 19 57.89 20.98 28.41
C SER D 19 57.72 21.85 27.17
N PRO D 20 57.53 23.16 27.36
CA PRO D 20 57.40 24.05 26.19
C PRO D 20 58.65 24.00 25.34
N GLY D 21 58.46 23.99 24.02
CA GLY D 21 59.55 23.90 23.08
C GLY D 21 59.95 22.49 22.71
N GLN D 22 59.56 21.50 23.51
CA GLN D 22 59.88 20.12 23.19
C GLN D 22 59.01 19.61 22.03
N SER D 23 59.34 18.43 21.53
CA SER D 23 58.56 17.74 20.52
C SER D 23 57.83 16.57 21.15
N ILE D 24 56.58 16.36 20.75
CA ILE D 24 55.75 15.31 21.34
C ILE D 24 54.95 14.60 20.27
N THR D 25 54.61 13.35 20.55
CA THR D 25 53.94 12.47 19.59
C THR D 25 52.79 11.74 20.29
N ILE D 26 51.61 11.80 19.69
CA ILE D 26 50.42 11.09 20.18
C ILE D 26 50.07 10.01 19.18
N SER D 27 49.95 8.77 19.66
CA SER D 27 49.70 7.62 18.80
C SER D 27 48.22 7.30 18.73
N CYS D 28 47.84 6.55 17.69
CA CYS D 28 46.44 6.23 17.41
C CYS D 28 46.42 4.83 16.78
N THR D 29 46.04 3.84 17.56
CA THR D 29 46.07 2.45 17.14
C THR D 29 44.66 1.95 16.87
N GLY D 30 44.45 1.43 15.67
CA GLY D 30 43.18 0.85 15.30
C GLY D 30 43.36 -0.58 14.81
N THR D 31 42.56 -0.99 13.83
CA THR D 31 42.60 -2.33 13.27
C THR D 31 42.95 -2.25 11.78
N SER D 32 43.00 -3.42 11.16
CA SER D 32 43.28 -3.50 9.72
C SER D 32 42.11 -3.04 8.86
N SER D 33 40.97 -2.74 9.46
CA SER D 33 39.79 -2.31 8.73
C SER D 33 39.55 -0.81 8.79
N ASP D 34 40.23 -0.09 9.68
CA ASP D 34 40.12 1.36 9.73
C ASP D 34 41.44 2.06 9.43
N VAL D 35 42.50 1.80 10.18
CA VAL D 35 43.76 2.52 10.01
C VAL D 35 44.75 1.73 9.17
N GLY D 36 44.82 0.40 9.36
CA GLY D 36 45.67 -0.41 8.52
C GLY D 36 45.12 -0.65 7.12
N GLY D 37 43.89 -0.23 6.86
CA GLY D 37 43.27 -0.50 5.58
C GLY D 37 43.18 0.69 4.67
N PHE D 38 43.01 1.88 5.23
CA PHE D 38 42.72 3.07 4.43
C PHE D 38 43.46 4.28 4.98
N ASN D 39 43.73 5.23 4.09
CA ASN D 39 44.41 6.47 4.43
C ASN D 39 43.46 7.55 4.96
N TYR D 40 42.24 7.16 5.36
CA TYR D 40 41.26 8.13 5.86
C TYR D 40 41.52 8.43 7.33
N VAL D 41 42.76 8.75 7.68
CA VAL D 41 43.16 8.98 9.07
C VAL D 41 43.27 10.49 9.27
N SER D 42 42.44 11.02 10.16
CA SER D 42 42.39 12.45 10.41
C SER D 42 42.63 12.74 11.89
N TRP D 43 43.09 13.95 12.16
CA TRP D 43 43.36 14.40 13.53
C TRP D 43 42.64 15.72 13.76
N PHE D 44 41.87 15.78 14.85
CA PHE D 44 41.14 16.98 15.22
C PHE D 44 41.63 17.46 16.58
N GLN D 45 41.71 18.78 16.73
CA GLN D 45 42.05 19.42 18.00
C GLN D 45 40.80 20.08 18.55
N GLN D 46 40.54 19.88 19.85
CA GLN D 46 39.38 20.47 20.50
C GLN D 46 39.84 21.24 21.73
N HIS D 47 39.74 22.56 21.68
CA HIS D 47 39.94 23.41 22.84
C HIS D 47 38.68 23.43 23.70
N PRO D 48 38.81 23.64 25.01
CA PRO D 48 37.64 23.55 25.91
C PRO D 48 36.54 24.50 25.51
N GLY D 49 35.35 23.95 25.29
CA GLY D 49 34.19 24.73 24.91
C GLY D 49 34.06 24.99 23.41
N LYS D 50 34.98 24.51 22.60
CA LYS D 50 34.96 24.76 21.17
C LYS D 50 34.78 23.45 20.41
N ALA D 51 34.45 23.60 19.13
CA ALA D 51 34.29 22.43 18.26
C ALA D 51 35.65 21.94 17.79
N PRO D 52 35.77 20.65 17.45
CA PRO D 52 37.05 20.15 16.96
C PRO D 52 37.45 20.82 15.65
N LYS D 53 38.75 21.01 15.49
CA LYS D 53 39.32 21.63 14.29
C LYS D 53 40.21 20.62 13.59
N LEU D 54 40.03 20.49 12.28
CA LEU D 54 40.81 19.52 11.51
C LEU D 54 42.28 19.95 11.46
N MET D 55 43.16 19.09 11.98
CA MET D 55 44.60 19.34 11.98
C MET D 55 45.34 18.52 10.93
N LEU D 56 44.98 17.25 10.76
CA LEU D 56 45.62 16.40 9.78
C LEU D 56 44.58 15.55 9.07
N TYR D 57 44.85 15.24 7.82
CA TYR D 57 44.00 14.40 6.99
C TYR D 57 44.90 13.70 5.99
N ASP D 58 44.52 12.57 5.46
CA ASP D 58 45.39 11.88 4.55
C ASP D 58 46.67 11.77 5.26
N VAL D 59 46.60 11.09 6.38
CA VAL D 59 47.65 10.91 7.36
C VAL D 59 48.72 11.93 7.41
N THR D 60 49.36 12.23 6.30
CA THR D 60 50.39 13.27 6.38
C THR D 60 49.88 14.69 6.13
N SER D 61 48.87 14.87 5.28
CA SER D 61 48.47 16.19 4.81
C SER D 61 47.75 17.01 5.90
N ARG D 62 47.85 18.32 5.77
CA ARG D 62 47.25 19.27 6.72
C ARG D 62 46.62 20.44 5.97
N PRO D 63 45.50 20.97 6.47
CA PRO D 63 44.84 22.10 5.81
C PRO D 63 45.77 23.30 5.64
N SER D 64 45.43 24.13 4.64
CA SER D 64 46.26 25.28 4.31
C SER D 64 46.44 26.22 5.50
N GLY D 65 45.38 26.43 6.28
CA GLY D 65 45.47 27.33 7.41
C GLY D 65 46.29 26.78 8.57
N VAL D 66 46.54 25.47 8.58
CA VAL D 66 47.21 24.83 9.71
C VAL D 66 48.71 24.96 9.55
N SER D 67 49.40 25.27 10.65
CA SER D 67 50.84 25.44 10.63
C SER D 67 51.55 24.11 10.33
N SER D 68 52.78 24.23 9.83
CA SER D 68 53.61 23.08 9.50
C SER D 68 54.26 22.43 10.73
N ARG D 69 54.07 23.01 11.92
CA ARG D 69 54.58 22.41 13.14
C ARG D 69 53.97 21.03 13.40
N PHE D 70 52.78 20.79 12.87
CA PHE D 70 52.11 19.50 12.99
C PHE D 70 52.51 18.59 11.83
N SER D 71 52.96 17.38 12.16
CA SER D 71 53.29 16.37 11.16
C SER D 71 52.71 15.03 11.59
N GLY D 72 52.49 14.17 10.61
CA GLY D 72 51.88 12.88 10.87
C GLY D 72 52.59 11.76 10.13
N SER D 73 52.48 10.56 10.69
CA SER D 73 53.04 9.36 10.08
C SER D 73 52.16 8.17 10.43
N LYS D 74 52.32 7.10 9.67
CA LYS D 74 51.54 5.90 9.89
C LYS D 74 52.38 4.66 9.57
N SER D 75 52.23 3.62 10.39
CA SER D 75 52.88 2.34 10.17
C SER D 75 51.95 1.24 10.62
N GLY D 76 51.60 0.34 9.70
CA GLY D 76 50.70 -0.76 10.05
C GLY D 76 49.35 -0.23 10.47
N ASN D 77 48.94 -0.57 11.69
CA ASN D 77 47.65 -0.17 12.25
C ASN D 77 47.75 1.01 13.20
N THR D 78 48.87 1.74 13.22
CA THR D 78 49.05 2.85 14.16
C THR D 78 49.48 4.10 13.41
N ALA D 79 48.71 5.17 13.56
CA ALA D 79 49.10 6.49 13.12
C ALA D 79 49.51 7.34 14.33
N SER D 80 50.17 8.46 14.05
CA SER D 80 50.69 9.31 15.11
C SER D 80 50.77 10.75 14.64
N LEU D 81 50.35 11.66 15.51
CA LEU D 81 50.46 13.10 15.30
C LEU D 81 51.62 13.62 16.14
N THR D 82 52.58 14.27 15.48
CA THR D 82 53.74 14.83 16.15
C THR D 82 53.66 16.35 16.11
N ILE D 83 53.88 16.98 17.26
CA ILE D 83 53.92 18.43 17.37
C ILE D 83 55.33 18.83 17.81
N SER D 84 56.07 19.50 16.94
CA SER D 84 57.41 19.98 17.25
C SER D 84 57.36 21.44 17.66
N GLY D 85 58.28 21.82 18.54
CA GLY D 85 58.31 23.18 19.05
C GLY D 85 57.02 23.53 19.76
N LEU D 86 56.74 22.85 20.86
CA LEU D 86 55.47 23.02 21.55
C LEU D 86 55.32 24.44 22.07
N GLN D 87 54.10 24.98 21.93
CA GLN D 87 53.73 26.29 22.43
C GLN D 87 52.57 26.16 23.40
N ALA D 88 52.30 27.26 24.12
CA ALA D 88 51.23 27.25 25.11
C ALA D 88 49.84 27.14 24.48
N GLU D 89 49.67 27.55 23.22
CA GLU D 89 48.36 27.45 22.59
C GLU D 89 47.97 26.01 22.27
N ASP D 90 48.94 25.09 22.19
CA ASP D 90 48.66 23.72 21.78
C ASP D 90 48.06 22.86 22.88
N GLU D 91 47.91 23.37 24.09
CA GLU D 91 47.33 22.58 25.17
C GLU D 91 45.83 22.40 24.91
N ALA D 92 45.43 21.19 24.55
CA ALA D 92 44.05 20.89 24.22
C ALA D 92 43.89 19.37 24.11
N ASP D 93 42.69 18.94 23.72
CA ASP D 93 42.39 17.54 23.46
C ASP D 93 42.54 17.23 21.98
N TYR D 94 43.05 16.04 21.68
CA TYR D 94 43.34 15.64 20.30
C TYR D 94 42.65 14.33 20.00
N TYR D 95 41.92 14.29 18.88
CA TYR D 95 41.14 13.13 18.47
C TYR D 95 41.56 12.70 17.08
N CYS D 96 41.91 11.42 16.93
CA CYS D 96 42.09 10.82 15.62
C CYS D 96 40.79 10.14 15.17
N SER D 97 40.59 10.08 13.86
CA SER D 97 39.37 9.50 13.31
C SER D 97 39.70 8.74 12.04
N SER D 98 38.87 7.75 11.72
CA SER D 98 39.13 6.94 10.54
C SER D 98 37.81 6.46 9.95
N HIS D 99 37.71 6.54 8.63
CA HIS D 99 36.64 5.89 7.89
C HIS D 99 36.88 4.39 7.91
N THR D 100 35.84 3.63 8.24
CA THR D 100 36.04 2.18 8.37
C THR D 100 35.74 1.50 7.05
N SER D 101 35.93 0.17 7.05
CA SER D 101 35.66 -0.59 5.83
C SER D 101 34.17 -0.76 5.62
N ARG D 102 33.37 -0.54 6.66
CA ARG D 102 31.93 -0.70 6.60
C ARG D 102 31.22 0.61 6.33
N GLY D 103 31.94 1.60 5.78
CA GLY D 103 31.34 2.88 5.46
C GLY D 103 30.93 3.70 6.66
N THR D 104 31.67 3.60 7.77
CA THR D 104 31.35 4.34 8.98
C THR D 104 32.55 5.19 9.38
N TRP D 105 32.39 5.90 10.50
CA TRP D 105 33.45 6.73 11.05
C TRP D 105 33.65 6.37 12.52
N VAL D 106 34.91 6.27 12.92
CA VAL D 106 35.27 5.96 14.30
C VAL D 106 36.24 7.04 14.77
N PHE D 107 36.17 7.34 16.07
CA PHE D 107 37.04 8.31 16.70
C PHE D 107 37.87 7.65 17.79
N GLY D 108 39.06 8.19 18.01
CA GLY D 108 39.88 7.74 19.12
C GLY D 108 39.33 8.21 20.45
N GLY D 109 39.86 7.60 21.51
CA GLY D 109 39.42 7.93 22.85
C GLY D 109 39.72 9.36 23.26
N GLY D 110 40.64 10.02 22.57
CA GLY D 110 41.02 11.37 22.93
C GLY D 110 42.27 11.41 23.77
N THR D 111 43.12 12.42 23.55
CA THR D 111 44.35 12.59 24.31
C THR D 111 44.38 14.01 24.87
N LYS D 112 44.63 14.13 26.16
CA LYS D 112 44.74 15.42 26.81
C LYS D 112 46.21 15.85 26.80
N LEU D 113 46.51 16.86 25.98
CA LEU D 113 47.88 17.36 25.86
C LEU D 113 48.03 18.54 26.81
N THR D 114 49.01 18.47 27.70
CA THR D 114 49.25 19.49 28.70
C THR D 114 50.65 20.07 28.52
N VAL D 115 50.74 21.40 28.49
CA VAL D 115 52.00 22.11 28.33
C VAL D 115 52.47 22.54 29.72
N LEU D 116 53.62 22.02 30.15
CA LEU D 116 54.15 22.31 31.47
C LEU D 116 54.74 23.72 31.53
N GLU E 3 -38.08 -17.22 25.03
CA GLU E 3 -38.46 -15.94 24.46
C GLU E 3 -37.36 -15.39 23.56
N VAL E 4 -37.76 -14.62 22.55
CA VAL E 4 -36.82 -13.85 21.75
C VAL E 4 -36.71 -12.46 22.36
N GLN E 5 -35.49 -12.00 22.58
CA GLN E 5 -35.30 -10.71 23.23
C GLN E 5 -34.04 -10.03 22.72
N LEU E 6 -34.11 -8.71 22.64
CA LEU E 6 -33.00 -7.85 22.29
C LEU E 6 -32.77 -6.91 23.45
N VAL E 7 -31.57 -6.92 24.01
CA VAL E 7 -31.24 -6.09 25.17
C VAL E 7 -30.16 -5.10 24.77
N GLU E 8 -30.41 -3.83 25.03
CA GLU E 8 -29.45 -2.77 24.70
C GLU E 8 -28.87 -2.17 25.98
N SER E 9 -27.71 -1.54 25.81
CA SER E 9 -26.95 -0.97 26.90
C SER E 9 -27.70 0.17 27.59
N GLY E 10 -27.12 0.67 28.68
CA GLY E 10 -27.73 1.73 29.44
C GLY E 10 -27.59 3.10 28.76
N ALA E 11 -28.27 4.09 29.33
CA ALA E 11 -28.22 5.42 28.77
C ALA E 11 -26.85 6.06 28.96
N GLU E 12 -26.36 6.72 27.92
CA GLU E 12 -25.06 7.38 27.97
C GLU E 12 -25.24 8.85 27.67
N VAL E 13 -24.40 9.68 28.28
CA VAL E 13 -24.39 11.13 28.09
C VAL E 13 -22.96 11.49 27.71
N LYS E 14 -22.79 12.18 26.59
CA LYS E 14 -21.46 12.48 26.10
C LYS E 14 -21.36 13.96 25.76
N LYS E 15 -20.11 14.40 25.46
CA LYS E 15 -19.78 15.75 25.08
C LYS E 15 -19.87 15.89 23.57
N PRO E 16 -20.20 17.07 23.07
CA PRO E 16 -20.21 17.27 21.61
C PRO E 16 -18.84 16.99 21.04
N GLY E 17 -18.82 16.30 19.89
CA GLY E 17 -17.57 15.90 19.29
C GLY E 17 -17.06 14.56 19.75
N ALA E 18 -17.59 14.02 20.84
CA ALA E 18 -17.15 12.74 21.36
C ALA E 18 -17.77 11.61 20.53
N SER E 19 -17.64 10.38 21.02
CA SER E 19 -18.27 9.25 20.36
C SER E 19 -18.90 8.37 21.43
N VAL E 20 -19.90 7.61 21.01
CA VAL E 20 -20.63 6.71 21.90
C VAL E 20 -20.69 5.34 21.26
N LYS E 21 -20.65 4.32 22.11
CA LYS E 21 -20.72 2.93 21.70
C LYS E 21 -21.84 2.30 22.51
N VAL E 22 -22.95 2.01 21.84
CA VAL E 22 -24.08 1.33 22.45
C VAL E 22 -24.07 -0.10 21.93
N SER E 23 -24.44 -1.04 22.80
CA SER E 23 -24.38 -2.45 22.50
C SER E 23 -25.80 -3.01 22.39
N CYS E 24 -25.90 -4.16 21.72
CA CYS E 24 -27.19 -4.80 21.52
C CYS E 24 -26.95 -6.31 21.54
N LYS E 25 -27.23 -6.93 22.68
CA LYS E 25 -27.02 -8.37 22.83
C LYS E 25 -28.29 -9.12 22.49
N ALA E 26 -28.16 -10.13 21.64
CA ALA E 26 -29.29 -10.91 21.15
C ALA E 26 -29.39 -12.21 21.95
N SER E 27 -30.63 -12.61 22.25
CA SER E 27 -30.89 -13.84 22.96
C SER E 27 -32.19 -14.45 22.44
N GLY E 28 -32.25 -15.78 22.47
CA GLY E 28 -33.40 -16.52 21.99
C GLY E 28 -33.33 -16.95 20.55
N TYR E 29 -32.28 -16.59 19.82
CA TYR E 29 -32.15 -16.98 18.42
C TYR E 29 -30.68 -16.94 18.02
N THR E 30 -30.38 -17.59 16.90
CA THR E 30 -29.01 -17.67 16.39
C THR E 30 -28.54 -16.27 15.97
N PHE E 31 -27.54 -15.76 16.68
CA PHE E 31 -27.06 -14.39 16.42
C PHE E 31 -26.42 -14.30 15.05
N THR E 32 -25.72 -15.34 14.62
CA THR E 32 -24.99 -15.32 13.36
C THR E 32 -25.88 -15.48 12.13
N SER E 33 -27.15 -15.83 12.32
CA SER E 33 -28.08 -16.00 11.20
C SER E 33 -28.96 -14.77 10.96
N TYR E 34 -28.64 -13.63 11.57
CA TYR E 34 -29.47 -12.44 11.48
C TYR E 34 -28.63 -11.20 11.27
N ALA E 35 -29.12 -10.31 10.43
CA ALA E 35 -28.53 -8.97 10.32
C ALA E 35 -29.12 -8.07 11.38
N MET E 36 -28.29 -7.18 11.92
CA MET E 36 -28.70 -6.28 13.00
C MET E 36 -28.76 -4.85 12.46
N HIS E 37 -29.92 -4.23 12.57
CA HIS E 37 -30.13 -2.87 12.10
C HIS E 37 -30.13 -1.91 13.29
N TRP E 38 -29.80 -0.65 13.00
CA TRP E 38 -29.80 0.41 14.00
C TRP E 38 -30.69 1.55 13.52
N VAL E 39 -31.61 1.96 14.38
CA VAL E 39 -32.58 3.02 14.08
C VAL E 39 -32.63 3.97 15.26
N ARG E 40 -32.60 5.27 14.98
CA ARG E 40 -32.68 6.29 16.02
C ARG E 40 -33.94 7.12 15.85
N GLN E 41 -34.36 7.75 16.95
CA GLN E 41 -35.57 8.58 16.97
C GLN E 41 -35.30 9.79 17.86
N ALA E 42 -35.19 10.96 17.25
CA ALA E 42 -35.00 12.19 17.98
C ALA E 42 -36.28 12.58 18.73
N PRO E 43 -36.17 13.32 19.82
CA PRO E 43 -37.36 13.68 20.61
C PRO E 43 -38.38 14.43 19.76
N GLY E 44 -39.59 13.89 19.71
CA GLY E 44 -40.63 14.49 18.90
C GLY E 44 -40.48 14.31 17.41
N GLN E 45 -39.54 13.47 16.97
CA GLN E 45 -39.27 13.27 15.56
C GLN E 45 -39.59 11.82 15.17
N ARG E 46 -39.39 11.53 13.88
CA ARG E 46 -39.69 10.22 13.33
C ARG E 46 -38.54 9.25 13.59
N LEU E 47 -38.75 7.99 13.22
CA LEU E 47 -37.70 7.00 13.23
C LEU E 47 -36.77 7.19 12.04
N GLU E 48 -35.49 6.90 12.25
CA GLU E 48 -34.48 7.14 11.23
C GLU E 48 -33.53 5.96 11.19
N TRP E 49 -33.34 5.39 10.00
CA TRP E 49 -32.49 4.21 9.83
C TRP E 49 -31.04 4.61 9.64
N MET E 50 -30.15 4.00 10.43
CA MET E 50 -28.74 4.32 10.42
C MET E 50 -27.90 3.35 9.60
N GLY E 51 -28.16 2.06 9.72
CA GLY E 51 -27.43 1.06 8.96
C GLY E 51 -27.72 -0.32 9.50
N TRP E 52 -27.01 -1.30 8.93
CA TRP E 52 -27.13 -2.68 9.40
C TRP E 52 -25.78 -3.37 9.29
N ILE E 53 -25.66 -4.48 10.04
CA ILE E 53 -24.48 -5.33 10.01
C ILE E 53 -24.94 -6.76 9.78
N ASN E 54 -24.24 -7.46 8.89
CA ASN E 54 -24.46 -8.89 8.67
C ASN E 54 -23.61 -9.64 9.68
N ALA E 55 -24.25 -10.22 10.69
CA ALA E 55 -23.52 -10.90 11.76
C ALA E 55 -22.84 -12.17 11.29
N GLY E 56 -23.20 -12.69 10.12
CA GLY E 56 -22.58 -13.91 9.63
C GLY E 56 -21.22 -13.69 8.99
N ASN E 57 -21.02 -12.56 8.32
CA ASN E 57 -19.77 -12.29 7.63
C ASN E 57 -19.20 -10.91 7.90
N GLY E 58 -19.87 -10.10 8.72
CA GLY E 58 -19.37 -8.78 9.05
C GLY E 58 -19.69 -7.71 8.02
N ASN E 59 -20.32 -8.05 6.90
CA ASN E 59 -20.67 -7.05 5.91
C ASN E 59 -21.65 -6.05 6.51
N THR E 60 -21.44 -4.78 6.21
CA THR E 60 -22.29 -3.72 6.73
C THR E 60 -22.73 -2.81 5.58
N LYS E 61 -23.67 -1.94 5.91
CA LYS E 61 -24.17 -0.95 4.96
C LYS E 61 -24.78 0.18 5.76
N TYR E 62 -24.28 1.40 5.54
CA TYR E 62 -24.68 2.54 6.34
C TYR E 62 -25.55 3.48 5.54
N SER E 63 -26.33 4.27 6.26
CA SER E 63 -27.07 5.32 5.58
C SER E 63 -26.09 6.40 5.16
N GLN E 64 -26.31 6.94 3.97
CA GLN E 64 -25.46 7.97 3.45
C GLN E 64 -25.50 9.24 4.29
N LYS E 65 -26.45 9.36 5.22
CA LYS E 65 -26.48 10.44 6.20
C LYS E 65 -25.46 10.25 7.34
N PHE E 66 -25.10 8.99 7.66
CA PHE E 66 -24.20 8.69 8.77
C PHE E 66 -22.93 7.94 8.36
N GLN E 67 -22.66 7.78 7.06
CA GLN E 67 -21.58 6.87 6.65
C GLN E 67 -20.18 7.28 7.13
N ASP E 68 -19.94 8.54 7.48
CA ASP E 68 -18.58 8.82 7.95
C ASP E 68 -18.45 8.64 9.46
N ARG E 69 -19.50 8.97 10.22
CA ARG E 69 -19.42 8.99 11.68
C ARG E 69 -19.84 7.68 12.34
N VAL E 70 -20.44 6.74 11.60
CA VAL E 70 -20.97 5.51 12.17
C VAL E 70 -20.04 4.34 11.84
N THR E 71 -19.81 3.49 12.83
CA THR E 71 -19.11 2.21 12.66
C THR E 71 -19.89 1.14 13.41
N ILE E 72 -20.33 0.11 12.70
CA ILE E 72 -21.10 -0.98 13.29
C ILE E 72 -20.26 -2.24 13.29
N THR E 73 -20.17 -2.89 14.45
CA THR E 73 -19.35 -4.08 14.66
C THR E 73 -20.16 -5.15 15.37
N ARG E 74 -19.52 -6.28 15.66
CA ARG E 74 -20.21 -7.41 16.27
C ARG E 74 -19.20 -8.27 17.02
N ASP E 75 -19.68 -8.95 18.06
CA ASP E 75 -18.91 -9.96 18.77
C ASP E 75 -19.70 -11.27 18.73
N THR E 76 -19.24 -12.22 17.91
CA THR E 76 -19.98 -13.46 17.75
C THR E 76 -19.98 -14.26 19.04
N SER E 77 -18.83 -14.31 19.73
CA SER E 77 -18.76 -15.01 21.01
C SER E 77 -19.70 -14.39 22.03
N ALA E 78 -19.89 -13.07 21.97
CA ALA E 78 -20.82 -12.39 22.86
C ALA E 78 -22.24 -12.30 22.28
N SER E 79 -22.43 -12.71 21.02
CA SER E 79 -23.72 -12.60 20.35
C SER E 79 -24.27 -11.18 20.49
N THR E 80 -23.40 -10.20 20.31
CA THR E 80 -23.72 -8.81 20.60
C THR E 80 -23.29 -7.92 19.44
N ALA E 81 -24.19 -7.04 19.02
CA ALA E 81 -23.90 -6.04 18.02
C ALA E 81 -23.50 -4.73 18.69
N TYR E 82 -22.72 -3.94 17.97
CA TYR E 82 -22.22 -2.68 18.50
C TYR E 82 -22.45 -1.58 17.48
N MET E 83 -22.84 -0.41 17.97
CA MET E 83 -23.02 0.78 17.15
C MET E 83 -22.19 1.91 17.74
N GLU E 84 -21.29 2.47 16.95
CA GLU E 84 -20.44 3.57 17.39
C GLU E 84 -20.71 4.78 16.50
N LEU E 85 -21.12 5.88 17.12
CA LEU E 85 -21.41 7.14 16.43
C LEU E 85 -20.41 8.18 16.93
N SER E 86 -19.56 8.66 16.03
CA SER E 86 -18.51 9.60 16.38
C SER E 86 -18.87 11.02 15.94
N SER E 87 -18.11 11.98 16.47
CA SER E 87 -18.33 13.41 16.21
C SER E 87 -19.76 13.80 16.59
N LEU E 88 -20.12 13.55 17.84
CA LEU E 88 -21.48 13.76 18.28
C LEU E 88 -21.84 15.24 18.30
N ARG E 89 -23.09 15.53 17.96
CA ARG E 89 -23.64 16.87 17.99
C ARG E 89 -24.90 16.86 18.83
N SER E 90 -25.40 18.06 19.15
CA SER E 90 -26.62 18.15 19.95
C SER E 90 -27.80 17.56 19.20
N GLU E 91 -27.75 17.54 17.86
CA GLU E 91 -28.80 16.92 17.08
C GLU E 91 -28.83 15.42 17.27
N ASP E 92 -27.70 14.81 17.62
CA ASP E 92 -27.63 13.35 17.80
C ASP E 92 -28.34 12.89 19.06
N THR E 93 -28.90 13.80 19.85
CA THR E 93 -29.71 13.43 21.01
C THR E 93 -30.97 12.68 20.56
N ALA E 94 -31.03 11.40 20.86
CA ALA E 94 -32.13 10.55 20.39
C ALA E 94 -32.10 9.24 21.15
N ILE E 95 -33.14 8.44 20.93
CA ILE E 95 -33.20 7.06 21.40
C ILE E 95 -32.74 6.15 20.28
N TYR E 96 -31.82 5.24 20.59
CA TYR E 96 -31.22 4.35 19.61
C TYR E 96 -31.70 2.93 19.83
N TYR E 97 -32.36 2.37 18.82
CA TYR E 97 -32.85 1.00 18.84
C TYR E 97 -32.00 0.12 17.94
N CYS E 98 -31.99 -1.17 18.25
CA CYS E 98 -31.54 -2.19 17.31
C CYS E 98 -32.73 -3.04 16.89
N ALA E 99 -32.68 -3.54 15.66
CA ALA E 99 -33.77 -4.32 15.11
C ALA E 99 -33.19 -5.39 14.22
N ARG E 100 -33.77 -6.59 14.28
CA ARG E 100 -33.20 -7.75 13.60
C ARG E 100 -33.87 -7.99 12.25
N ASP E 101 -33.17 -8.73 11.41
CA ASP E 101 -33.70 -9.24 10.15
C ASP E 101 -32.87 -10.45 9.74
N LYS E 102 -33.53 -11.42 9.13
CA LYS E 102 -32.88 -12.69 8.77
C LYS E 102 -32.08 -12.58 7.49
N VAL E 103 -31.03 -13.39 7.42
CA VAL E 103 -30.21 -13.51 6.23
C VAL E 103 -30.72 -14.70 5.44
N ASP E 104 -30.28 -14.83 4.19
CA ASP E 104 -30.70 -15.99 3.42
C ASP E 104 -29.95 -17.23 3.90
N ASP E 105 -30.19 -18.35 3.24
CA ASP E 105 -29.59 -19.60 3.67
C ASP E 105 -28.11 -19.68 3.37
N TYR E 106 -27.60 -18.85 2.45
CA TYR E 106 -26.18 -18.78 2.15
C TYR E 106 -25.44 -17.77 3.02
N GLY E 107 -26.09 -17.28 4.08
CA GLY E 107 -25.47 -16.31 4.97
C GLY E 107 -25.39 -14.91 4.43
N ASP E 108 -25.84 -14.67 3.20
CA ASP E 108 -25.76 -13.35 2.59
C ASP E 108 -26.94 -12.49 3.03
N TYR E 109 -26.73 -11.17 2.97
CA TYR E 109 -27.80 -10.19 3.25
C TYR E 109 -27.77 -9.15 2.13
N TRP E 110 -28.40 -9.49 1.01
CA TRP E 110 -28.56 -8.56 -0.10
C TRP E 110 -29.96 -8.01 -0.20
N PHE E 111 -30.95 -8.85 0.08
CA PHE E 111 -32.34 -8.44 0.07
C PHE E 111 -32.93 -8.82 1.42
N PRO E 112 -33.66 -7.92 2.06
CA PRO E 112 -34.26 -8.23 3.36
C PRO E 112 -35.45 -9.17 3.17
N THR E 113 -35.97 -9.64 4.30
CA THR E 113 -37.22 -10.39 4.26
C THR E 113 -38.36 -9.39 4.36
N LEU E 114 -39.59 -9.87 4.14
CA LEU E 114 -40.74 -8.99 4.25
C LEU E 114 -41.11 -8.71 5.69
N TRP E 115 -40.67 -9.57 6.62
CA TRP E 115 -40.96 -9.42 8.04
C TRP E 115 -39.72 -8.90 8.76
N TYR E 116 -39.03 -7.97 8.11
CA TYR E 116 -37.86 -7.33 8.69
C TYR E 116 -38.29 -6.47 9.88
N PHE E 117 -37.35 -6.20 10.78
CA PHE E 117 -37.61 -5.41 11.98
C PHE E 117 -38.75 -6.00 12.81
N ASP E 118 -38.82 -7.32 12.87
CA ASP E 118 -39.89 -7.96 13.61
C ASP E 118 -39.66 -7.97 15.12
N TYR E 119 -38.41 -7.87 15.57
CA TYR E 119 -38.12 -7.75 16.99
C TYR E 119 -37.22 -6.54 17.23
N TRP E 120 -37.55 -5.76 18.26
CA TRP E 120 -36.87 -4.50 18.56
C TRP E 120 -36.30 -4.50 19.97
N GLY E 121 -35.16 -3.81 20.12
CA GLY E 121 -34.59 -3.61 21.43
C GLY E 121 -35.33 -2.56 22.22
N GLN E 122 -35.12 -2.59 23.54
CA GLN E 122 -35.85 -1.69 24.43
C GLN E 122 -35.55 -0.22 24.15
N GLY E 123 -34.38 0.07 23.60
CA GLY E 123 -34.01 1.43 23.23
C GLY E 123 -33.04 2.06 24.21
N THR E 124 -31.98 2.69 23.69
CA THR E 124 -30.98 3.35 24.52
C THR E 124 -31.02 4.84 24.23
N LEU E 125 -31.19 5.63 25.28
CA LEU E 125 -31.23 7.08 25.16
C LEU E 125 -29.83 7.67 25.22
N VAL E 126 -29.50 8.49 24.22
CA VAL E 126 -28.20 9.15 24.11
C VAL E 126 -28.45 10.65 24.04
N THR E 127 -27.91 11.39 25.01
CA THR E 127 -28.06 12.83 25.11
C THR E 127 -26.72 13.50 24.86
N VAL E 128 -26.68 14.45 23.93
CA VAL E 128 -25.45 15.19 23.71
C VAL E 128 -25.66 16.63 24.16
N SER F 6 -35.36 16.56 10.40
CA SER F 6 -35.32 15.25 9.75
C SER F 6 -36.60 15.01 8.95
N GLN F 7 -36.66 15.59 7.75
CA GLN F 7 -37.83 15.45 6.90
C GLN F 7 -38.03 14.00 6.47
N SER F 8 -39.25 13.51 6.62
CA SER F 8 -39.57 12.14 6.25
C SER F 8 -39.63 11.99 4.73
N ALA F 9 -39.17 10.84 4.24
CA ALA F 9 -39.33 10.55 2.82
C ALA F 9 -40.72 10.01 2.52
N LEU F 10 -41.38 9.43 3.52
CA LEU F 10 -42.75 8.95 3.42
C LEU F 10 -43.68 9.88 4.17
N THR F 11 -44.85 10.15 3.60
CA THR F 11 -45.77 11.16 4.11
C THR F 11 -46.98 10.49 4.77
N GLN F 12 -47.21 10.82 6.04
CA GLN F 12 -48.35 10.37 6.81
C GLN F 12 -49.13 11.57 7.33
N PRO F 13 -50.43 11.41 7.57
CA PRO F 13 -51.19 12.49 8.23
C PRO F 13 -50.73 12.68 9.66
N ALA F 14 -50.76 13.94 10.11
CA ALA F 14 -50.25 14.25 11.44
C ALA F 14 -51.08 13.60 12.53
N SER F 15 -52.41 13.71 12.43
CA SER F 15 -53.29 13.19 13.45
C SER F 15 -54.53 12.57 12.80
N VAL F 16 -55.00 11.46 13.37
CA VAL F 16 -56.14 10.74 12.85
C VAL F 16 -57.05 10.37 14.02
N SER F 17 -58.35 10.61 13.86
CA SER F 17 -59.31 10.38 14.94
C SER F 17 -60.57 9.72 14.38
N GLY F 18 -61.27 9.01 15.25
CA GLY F 18 -62.49 8.34 14.86
C GLY F 18 -63.23 7.81 16.06
N SER F 19 -64.53 7.57 15.88
CA SER F 19 -65.35 7.05 16.94
C SER F 19 -65.06 5.57 17.18
N PRO F 20 -65.23 5.09 18.42
CA PRO F 20 -64.98 3.68 18.69
C PRO F 20 -65.89 2.78 17.87
N GLY F 21 -65.32 1.68 17.38
CA GLY F 21 -66.04 0.72 16.57
C GLY F 21 -66.04 1.01 15.09
N GLN F 22 -65.77 2.25 14.69
CA GLN F 22 -65.69 2.56 13.28
C GLN F 22 -64.36 2.06 12.71
N SER F 23 -64.25 2.15 11.39
CA SER F 23 -63.03 1.79 10.68
C SER F 23 -62.31 3.06 10.26
N ILE F 24 -60.98 3.06 10.38
CA ILE F 24 -60.17 4.23 10.10
C ILE F 24 -58.94 3.79 9.31
N THR F 25 -58.38 4.73 8.55
CA THR F 25 -57.31 4.44 7.61
C THR F 25 -56.22 5.49 7.75
N ILE F 26 -54.97 5.02 7.87
CA ILE F 26 -53.80 5.89 7.89
C ILE F 26 -53.05 5.67 6.59
N SER F 27 -52.83 6.75 5.84
CA SER F 27 -52.22 6.69 4.54
C SER F 27 -50.72 6.95 4.64
N CYS F 28 -49.99 6.49 3.62
CA CYS F 28 -48.52 6.58 3.62
C CYS F 28 -48.10 6.70 2.16
N THR F 29 -47.72 7.91 1.74
CA THR F 29 -47.41 8.19 0.36
C THR F 29 -45.90 8.33 0.18
N GLY F 30 -45.34 7.54 -0.74
CA GLY F 30 -43.93 7.62 -1.05
C GLY F 30 -43.67 7.86 -2.52
N THR F 31 -42.60 7.29 -3.05
CA THR F 31 -42.23 7.45 -4.44
C THR F 31 -42.23 6.08 -5.13
N SER F 32 -41.89 6.09 -6.42
CA SER F 32 -41.82 4.84 -7.18
C SER F 32 -40.60 4.02 -6.81
N SER F 33 -39.71 4.55 -5.97
CA SER F 33 -38.50 3.83 -5.59
C SER F 33 -38.58 3.23 -4.19
N ASP F 34 -39.56 3.64 -3.37
CA ASP F 34 -39.74 3.03 -2.06
C ASP F 34 -41.08 2.32 -1.91
N VAL F 35 -42.20 3.03 -2.05
CA VAL F 35 -43.51 2.46 -1.80
C VAL F 35 -44.19 2.03 -3.10
N GLY F 36 -44.05 2.83 -4.16
CA GLY F 36 -44.56 2.44 -5.45
C GLY F 36 -43.74 1.39 -6.17
N GLY F 37 -42.59 1.02 -5.63
CA GLY F 37 -41.71 0.10 -6.32
C GLY F 37 -41.66 -1.30 -5.76
N PHE F 38 -41.80 -1.44 -4.44
CA PHE F 38 -41.61 -2.72 -3.79
C PHE F 38 -42.67 -2.91 -2.71
N ASN F 39 -42.96 -4.19 -2.42
CA ASN F 39 -43.95 -4.56 -1.42
C ASN F 39 -43.37 -4.59 -0.02
N TYR F 40 -42.23 -3.91 0.19
CA TYR F 40 -41.59 -3.88 1.49
C TYR F 40 -42.24 -2.81 2.37
N VAL F 41 -43.56 -2.84 2.46
CA VAL F 41 -44.29 -1.84 3.21
C VAL F 41 -44.67 -2.45 4.56
N SER F 42 -44.17 -1.85 5.62
CA SER F 42 -44.41 -2.35 6.96
C SER F 42 -45.03 -1.24 7.80
N TRP F 43 -45.76 -1.65 8.83
CA TRP F 43 -46.40 -0.72 9.75
C TRP F 43 -46.01 -1.09 11.16
N PHE F 44 -45.50 -0.13 11.91
CA PHE F 44 -45.09 -0.32 13.29
C PHE F 44 -45.94 0.54 14.19
N GLN F 45 -46.28 0.01 15.36
CA GLN F 45 -47.01 0.75 16.38
C GLN F 45 -46.04 1.06 17.52
N GLN F 46 -46.06 2.31 17.98
CA GLN F 46 -45.21 2.75 19.07
C GLN F 46 -46.09 3.35 20.16
N HIS F 47 -46.13 2.70 21.30
CA HIS F 47 -46.73 3.42 22.41
C HIS F 47 -45.69 4.36 23.02
N PRO F 48 -46.12 5.50 23.57
CA PRO F 48 -45.17 6.48 24.08
C PRO F 48 -44.27 5.87 25.15
N GLY F 49 -42.96 6.00 24.93
CA GLY F 49 -41.99 5.43 25.83
C GLY F 49 -41.59 4.00 25.54
N LYS F 50 -42.17 3.39 24.51
CA LYS F 50 -41.90 2.00 24.17
C LYS F 50 -41.26 1.92 22.78
N ALA F 51 -40.72 0.74 22.49
CA ALA F 51 -40.12 0.49 21.20
C ALA F 51 -41.20 0.17 20.17
N PRO F 52 -40.93 0.41 18.89
CA PRO F 52 -41.93 0.11 17.86
C PRO F 52 -42.29 -1.36 17.82
N LYS F 53 -43.56 -1.63 17.52
CA LYS F 53 -44.07 -2.98 17.40
C LYS F 53 -44.56 -3.21 15.98
N LEU F 54 -44.08 -4.26 15.34
CA LEU F 54 -44.47 -4.56 13.96
C LEU F 54 -45.93 -4.99 13.90
N MET F 55 -46.73 -4.25 13.16
CA MET F 55 -48.15 -4.58 12.97
C MET F 55 -48.44 -5.20 11.62
N LEU F 56 -47.85 -4.69 10.55
CA LEU F 56 -48.07 -5.21 9.20
C LEU F 56 -46.75 -5.25 8.45
N TYR F 57 -46.64 -6.21 7.54
CA TYR F 57 -45.48 -6.36 6.69
C TYR F 57 -45.94 -7.02 5.40
N ASP F 58 -45.23 -6.79 4.33
CA ASP F 58 -45.57 -7.31 3.02
C ASP F 58 -46.89 -6.83 2.57
N VAL F 59 -47.18 -5.62 3.00
CA VAL F 59 -48.35 -4.86 2.76
C VAL F 59 -49.58 -5.42 3.39
N THR F 60 -50.01 -6.61 3.00
CA THR F 60 -51.21 -7.17 3.61
C THR F 60 -50.92 -8.09 4.79
N SER F 61 -49.77 -8.78 4.81
CA SER F 61 -49.54 -9.83 5.80
C SER F 61 -49.32 -9.26 7.20
N ARG F 62 -49.67 -10.05 8.22
CA ARG F 62 -49.57 -9.58 9.60
C ARG F 62 -48.99 -10.65 10.54
N PRO F 63 -48.17 -10.24 11.49
CA PRO F 63 -47.62 -11.18 12.47
C PRO F 63 -48.73 -11.90 13.24
N SER F 64 -48.38 -13.08 13.77
CA SER F 64 -49.35 -13.93 14.45
C SER F 64 -50.00 -13.20 15.63
N GLY F 65 -49.23 -12.43 16.39
CA GLY F 65 -49.78 -11.75 17.54
C GLY F 65 -50.73 -10.62 17.22
N VAL F 66 -50.75 -10.15 15.98
CA VAL F 66 -51.53 -8.98 15.59
C VAL F 66 -52.98 -9.39 15.31
N SER F 67 -53.92 -8.56 15.74
CA SER F 67 -55.33 -8.85 15.50
C SER F 67 -55.65 -8.78 14.01
N SER F 68 -56.73 -9.44 13.62
CA SER F 68 -57.20 -9.41 12.24
C SER F 68 -57.96 -8.12 11.93
N ARG F 69 -58.21 -7.28 12.92
CA ARG F 69 -58.82 -5.98 12.66
C ARG F 69 -57.87 -5.09 11.89
N PHE F 70 -56.56 -5.32 12.02
CA PHE F 70 -55.57 -4.57 11.28
C PHE F 70 -55.42 -5.22 9.91
N SER F 71 -55.62 -4.42 8.87
CA SER F 71 -55.46 -4.86 7.50
C SER F 71 -54.69 -3.77 6.75
N GLY F 72 -54.04 -4.17 5.67
CA GLY F 72 -53.20 -3.25 4.92
C GLY F 72 -53.46 -3.35 3.44
N SER F 73 -53.20 -2.25 2.75
CA SER F 73 -53.37 -2.19 1.30
C SER F 73 -52.35 -1.22 0.73
N LYS F 74 -52.14 -1.33 -0.58
CA LYS F 74 -51.21 -0.46 -1.29
C LYS F 74 -51.77 -0.19 -2.67
N SER F 75 -51.66 1.05 -3.13
CA SER F 75 -52.06 1.42 -4.48
C SER F 75 -51.11 2.49 -4.98
N GLY F 76 -50.42 2.21 -6.08
CA GLY F 76 -49.49 3.18 -6.62
C GLY F 76 -48.38 3.48 -5.64
N ASN F 77 -48.25 4.76 -5.28
CA ASN F 77 -47.23 5.20 -4.34
C ASN F 77 -47.76 5.40 -2.93
N THR F 78 -48.96 4.89 -2.64
CA THR F 78 -49.58 5.08 -1.33
C THR F 78 -50.03 3.74 -0.78
N ALA F 79 -49.54 3.42 0.41
CA ALA F 79 -50.04 2.30 1.20
C ALA F 79 -50.95 2.83 2.30
N SER F 80 -51.67 1.93 2.94
CA SER F 80 -52.64 2.35 3.94
C SER F 80 -52.80 1.27 5.01
N LEU F 81 -52.86 1.71 6.25
CA LEU F 81 -53.17 0.84 7.38
C LEU F 81 -54.62 1.08 7.76
N THR F 82 -55.44 0.03 7.74
CA THR F 82 -56.84 0.11 8.09
C THR F 82 -57.08 -0.62 9.39
N ILE F 83 -57.73 0.05 10.33
CA ILE F 83 -58.12 -0.51 11.62
C ILE F 83 -59.63 -0.52 11.69
N SER F 84 -60.22 -1.71 11.75
CA SER F 84 -61.66 -1.86 11.85
C SER F 84 -62.07 -2.04 13.30
N GLY F 85 -63.25 -1.54 13.65
CA GLY F 85 -63.73 -1.63 15.01
C GLY F 85 -62.81 -0.95 16.01
N LEU F 86 -62.70 0.37 15.92
CA LEU F 86 -61.77 1.10 16.76
C LEU F 86 -62.11 0.95 18.24
N GLN F 87 -61.06 0.72 19.04
CA GLN F 87 -61.16 0.66 20.49
C GLN F 87 -60.15 1.62 21.08
N ALA F 88 -60.26 1.85 22.40
CA ALA F 88 -59.32 2.74 23.07
C ALA F 88 -57.92 2.16 23.12
N GLU F 89 -57.79 0.83 22.96
CA GLU F 89 -56.49 0.17 22.94
C GLU F 89 -55.66 0.56 21.72
N ASP F 90 -56.29 1.04 20.66
CA ASP F 90 -55.60 1.35 19.41
C ASP F 90 -54.88 2.69 19.44
N GLU F 91 -55.02 3.45 20.51
CA GLU F 91 -54.42 4.78 20.60
C GLU F 91 -52.91 4.69 20.78
N ALA F 92 -52.15 5.09 19.76
CA ALA F 92 -50.70 5.09 19.80
C ALA F 92 -50.20 5.86 18.57
N ASP F 93 -48.88 5.89 18.40
CA ASP F 93 -48.27 6.45 17.21
C ASP F 93 -48.00 5.32 16.22
N TYR F 94 -48.23 5.58 14.95
CA TYR F 94 -48.13 4.56 13.92
C TYR F 94 -47.18 5.04 12.83
N TYR F 95 -46.21 4.20 12.48
CA TYR F 95 -45.17 4.52 11.52
C TYR F 95 -45.19 3.48 10.40
N CYS F 96 -45.26 3.96 9.16
CA CYS F 96 -45.04 3.12 8.00
C CYS F 96 -43.57 3.18 7.60
N SER F 97 -43.09 2.09 7.02
CA SER F 97 -41.70 2.00 6.63
C SER F 97 -41.61 1.24 5.31
N SER F 98 -40.53 1.49 4.57
CA SER F 98 -40.35 0.84 3.29
C SER F 98 -38.88 0.63 3.00
N HIS F 99 -38.55 -0.56 2.51
CA HIS F 99 -37.24 -0.77 1.91
C HIS F 99 -37.22 -0.06 0.56
N THR F 100 -36.18 0.73 0.31
CA THR F 100 -36.14 1.54 -0.90
C THR F 100 -35.39 0.78 -2.01
N SER F 101 -35.24 1.45 -3.17
CA SER F 101 -34.49 0.92 -4.30
C SER F 101 -33.00 1.03 -4.07
N ARG F 102 -32.55 1.87 -3.13
CA ARG F 102 -31.14 2.07 -2.87
C ARG F 102 -30.63 1.25 -1.70
N GLY F 103 -31.32 0.16 -1.34
CA GLY F 103 -30.86 -0.63 -0.23
C GLY F 103 -30.94 0.10 1.09
N THR F 104 -31.94 0.97 1.24
CA THR F 104 -32.10 1.78 2.44
C THR F 104 -33.47 1.51 3.06
N TRP F 105 -33.72 2.16 4.19
CA TRP F 105 -35.01 2.10 4.86
C TRP F 105 -35.46 3.51 5.18
N VAL F 106 -36.74 3.78 4.94
CA VAL F 106 -37.34 5.07 5.25
C VAL F 106 -38.59 4.83 6.08
N PHE F 107 -38.88 5.77 6.98
CA PHE F 107 -40.06 5.72 7.83
C PHE F 107 -40.93 6.93 7.56
N GLY F 108 -42.23 6.76 7.76
CA GLY F 108 -43.14 7.89 7.67
C GLY F 108 -42.98 8.80 8.88
N GLY F 109 -43.55 10.00 8.75
CA GLY F 109 -43.45 10.97 9.82
C GLY F 109 -44.13 10.54 11.10
N GLY F 110 -45.04 9.58 11.03
CA GLY F 110 -45.77 9.14 12.19
C GLY F 110 -47.15 9.74 12.29
N THR F 111 -48.11 8.96 12.76
CA THR F 111 -49.49 9.39 12.91
C THR F 111 -49.92 9.11 14.34
N LYS F 112 -50.47 10.12 15.01
CA LYS F 112 -51.00 9.93 16.35
C LYS F 112 -52.49 9.60 16.22
N LEU F 113 -52.85 8.37 16.56
CA LEU F 113 -54.22 7.89 16.44
C LEU F 113 -54.96 8.12 17.75
N THR F 114 -56.05 8.87 17.70
CA THR F 114 -56.83 9.23 18.87
C THR F 114 -58.25 8.70 18.71
N VAL F 115 -58.76 8.04 19.75
CA VAL F 115 -60.14 7.54 19.75
C VAL F 115 -60.99 8.53 20.53
N LEU F 116 -61.92 9.18 19.82
CA LEU F 116 -62.80 10.17 20.41
C LEU F 116 -63.92 9.51 21.21
C1 NAG G . -21.09 10.35 -0.92
C2 NAG G . -22.47 10.43 -0.26
C3 NAG G . -22.68 11.85 0.29
C4 NAG G . -21.64 12.04 1.40
C5 NAG G . -20.20 11.86 0.88
C6 NAG G . -19.21 11.74 2.03
C7 NAG G . -24.75 10.40 -1.41
C8 NAG G . -25.80 9.46 -1.98
N2 NAG G . -23.63 9.83 -0.95
O3 NAG G . -24.00 12.05 0.81
O4 NAG G . -21.72 13.26 2.11
O5 NAG G . -20.04 10.65 0.09
O6 NAG G . -19.44 12.58 3.14
O7 NAG G . -24.96 11.59 -1.32
#